data_3SD8
# 
_entry.id   3SD8 
# 
_audit_conform.dict_name       mmcif_pdbx.dic 
_audit_conform.dict_version    5.379 
_audit_conform.dict_location   http://mmcif.pdb.org/dictionaries/ascii/mmcif_pdbx.dic 
# 
loop_
_database_2.database_id 
_database_2.database_code 
_database_2.pdbx_database_accession 
_database_2.pdbx_DOI 
PDB   3SD8         pdb_00003sd8 10.2210/pdb3sd8/pdb 
NDB   NA1167       ?            ?                   
RCSB  RCSB066061   ?            ?                   
WWPDB D_1000066061 ?            ?                   
# 
_pdbx_database_status.status_code                     REL 
_pdbx_database_status.entry_id                        3SD8 
_pdbx_database_status.recvd_initial_deposition_date   2011-06-08 
_pdbx_database_status.deposit_site                    RCSB 
_pdbx_database_status.process_site                    RCSB 
_pdbx_database_status.status_code_sf                  REL 
_pdbx_database_status.status_code_mr                  ? 
_pdbx_database_status.SG_entry                        ? 
_pdbx_database_status.status_code_cs                  ? 
_pdbx_database_status.pdb_format_compatible           Y 
_pdbx_database_status.status_code_nmr_data            ? 
_pdbx_database_status.methods_development_category    ? 
# 
loop_
_audit_author.name 
_audit_author.pdbx_ordinal 
'Egli, M.'     1 
'Pallan, P.S.' 2 
# 
_citation.id                        primary 
_citation.title                     
;Structural Origins of Opposite Effects on Stability by Axial and Equatorial 3'-Fluoro Modifications of Hexitol Nucleic Acid (HNA)
;
_citation.journal_abbrev            'To be Published' 
_citation.journal_volume            ? 
_citation.page_first                ? 
_citation.page_last                 ? 
_citation.year                      ? 
_citation.journal_id_ASTM           ? 
_citation.country                   ? 
_citation.journal_id_ISSN           ? 
_citation.journal_id_CSD            0353 
_citation.book_publisher            ? 
_citation.pdbx_database_id_PubMed   ? 
_citation.pdbx_database_id_DOI      ? 
# 
loop_
_citation_author.citation_id 
_citation_author.name 
_citation_author.ordinal 
_citation_author.identifier_ORCID 
primary 'Egli, M.'       1 ? 
primary 'Pallan, P.S.'   2 ? 
primary 'Allerson, C.R.' 3 ? 
primary 'Prakash, T.P.'  4 ? 
primary 'Berdeja, A.'    5 ? 
primary 'Yu, J.'         6 ? 
primary 'Bhat, B.'       7 ? 
primary 'Swayze, E.E.'   8 ? 
primary 'Seth, P.'       9 ? 
# 
_cell.entry_id           3SD8 
_cell.length_a           28.003 
_cell.length_b           42.855 
_cell.length_c           45.833 
_cell.angle_alpha        90.00 
_cell.angle_beta         90.00 
_cell.angle_gamma        90.00 
_cell.Z_PDB              8 
_cell.pdbx_unique_axis   ? 
_cell.length_a_esd       ? 
_cell.length_b_esd       ? 
_cell.length_c_esd       ? 
_cell.angle_alpha_esd    ? 
_cell.angle_beta_esd     ? 
_cell.angle_gamma_esd    ? 
# 
_symmetry.entry_id                         3SD8 
_symmetry.space_group_name_H-M             'P 21 21 21' 
_symmetry.pdbx_full_space_group_name_H-M   ? 
_symmetry.cell_setting                     ? 
_symmetry.Int_Tables_number                19 
_symmetry.space_group_name_Hall            ? 
# 
loop_
_entity.id 
_entity.type 
_entity.src_method 
_entity.pdbx_description 
_entity.formula_weight 
_entity.pdbx_number_of_molecules 
_entity.pdbx_ec 
_entity.pdbx_mutation 
_entity.pdbx_fragment 
_entity.details 
1 polymer     syn "5'-D(*GP*CP*GP*TP*AP*(F4H)P*AP*CP*GP*C)-3'" 3077.023 2  ? ? ? 
;Ara-3'-fluoro hexitol (Ara-FHNA) modified DNA decamer
;
2 non-polymer syn 'STRONTIUM ION'                              87.620   1  ? ? ? ? 
3 water       nat water                                        18.015   29 ? ? ? ? 
# 
_entity_poly.entity_id                      1 
_entity_poly.type                           polydeoxyribonucleotide 
_entity_poly.nstd_linkage                   no 
_entity_poly.nstd_monomer                   yes 
_entity_poly.pdbx_seq_one_letter_code       '(DG)(DC)(DG)(DT)(DA)(F4H)(DA)(DC)(DG)(DC)' 
_entity_poly.pdbx_seq_one_letter_code_can   GCGTAXACGC 
_entity_poly.pdbx_strand_id                 A,B 
_entity_poly.pdbx_target_identifier         ? 
# 
loop_
_entity_poly_seq.entity_id 
_entity_poly_seq.num 
_entity_poly_seq.mon_id 
_entity_poly_seq.hetero 
1 1  DG  n 
1 2  DC  n 
1 3  DG  n 
1 4  DT  n 
1 5  DA  n 
1 6  F4H n 
1 7  DA  n 
1 8  DC  n 
1 9  DG  n 
1 10 DC  n 
# 
_struct_ref.id                         1 
_struct_ref.db_name                    PDB 
_struct_ref.db_code                    3SD8 
_struct_ref.pdbx_db_accession          3SD8 
_struct_ref.entity_id                  1 
_struct_ref.pdbx_align_begin           ? 
_struct_ref.pdbx_seq_one_letter_code   'GCGTA(F4H)ACGC' 
_struct_ref.pdbx_db_isoform            ? 
# 
loop_
_struct_ref_seq.align_id 
_struct_ref_seq.ref_id 
_struct_ref_seq.pdbx_PDB_id_code 
_struct_ref_seq.pdbx_strand_id 
_struct_ref_seq.seq_align_beg 
_struct_ref_seq.pdbx_seq_align_beg_ins_code 
_struct_ref_seq.seq_align_end 
_struct_ref_seq.pdbx_seq_align_end_ins_code 
_struct_ref_seq.pdbx_db_accession 
_struct_ref_seq.db_align_beg 
_struct_ref_seq.pdbx_db_align_beg_ins_code 
_struct_ref_seq.db_align_end 
_struct_ref_seq.pdbx_db_align_end_ins_code 
_struct_ref_seq.pdbx_auth_seq_align_beg 
_struct_ref_seq.pdbx_auth_seq_align_end 
1 1 3SD8 A 1 ? 10 ? 3SD8 101 ? 110 ? 101 110 
2 1 3SD8 B 1 ? 10 ? 3SD8 201 ? 210 ? 201 210 
# 
loop_
_chem_comp.id 
_chem_comp.type 
_chem_comp.mon_nstd_flag 
_chem_comp.name 
_chem_comp.pdbx_synonyms 
_chem_comp.formula 
_chem_comp.formula_weight 
DA  'DNA linking' y "2'-DEOXYADENOSINE-5'-MONOPHOSPHATE" ? 'C10 H14 N5 O6 P'   331.222 
DC  'DNA linking' y "2'-DEOXYCYTIDINE-5'-MONOPHOSPHATE" ? 'C9 H14 N3 O7 P'    307.197 
DG  'DNA linking' y "2'-DEOXYGUANOSINE-5'-MONOPHOSPHATE" ? 'C10 H14 N5 O7 P'   347.221 
DT  'DNA linking' y "THYMIDINE-5'-MONOPHOSPHATE" ? 'C10 H15 N2 O8 P'   322.208 
F4H 'DNA linking' n 
'1,5-anhydro-2,3-dideoxy-3-fluoro-2-(5-methyl-2,4-dioxo-3,4-dihydropyrimidin-1(2H)-yl)-6-O-phosphono-D-mannitol' ? 
'C11 H16 F N2 O8 P' 354.226 
HOH non-polymer   . WATER ? 'H2 O'              18.015  
SR  non-polymer   . 'STRONTIUM ION' ? 'Sr 2'              87.620  
# 
_exptl.entry_id          3SD8 
_exptl.method            'X-RAY DIFFRACTION' 
_exptl.crystals_number   1 
# 
_exptl_crystal.id                    1 
_exptl_crystal.density_meas          ? 
_exptl_crystal.density_Matthews      2.23 
_exptl_crystal.density_percent_sol   44.95 
_exptl_crystal.description           ? 
_exptl_crystal.F_000                 ? 
_exptl_crystal.preparation           ? 
# 
_exptl_crystal_grow.crystal_id      1 
_exptl_crystal_grow.method          'VAPOR DIFFUSION, HANGING DROP' 
_exptl_crystal_grow.temp            291 
_exptl_crystal_grow.temp_details    ? 
_exptl_crystal_grow.pH              6.0 
_exptl_crystal_grow.pdbx_details    
;1uL 1.5 mM DNA + 1 uL 40 mM sodium cacodylate, pH 6.0, 80 mM strontium chloride, 12mM spermine tetrahydrochloride, 10% MPD were equilibrated against a reservoir of 1 mL 35% MPD, VAPOR DIFFUSION, HANGING DROP, temperature 291K
;
_exptl_crystal_grow.pdbx_pH_range   ? 
# 
_diffrn.id                     1 
_diffrn.ambient_temp           100 
_diffrn.ambient_temp_details   ? 
_diffrn.crystal_id             1 
# 
_diffrn_detector.diffrn_id              1 
_diffrn_detector.detector               CCD 
_diffrn_detector.type                   'MARMOSAIC 300 mm CCD' 
_diffrn_detector.pdbx_collection_date   2010-12-13 
_diffrn_detector.details                ? 
# 
_diffrn_radiation.diffrn_id                        1 
_diffrn_radiation.wavelength_id                    1 
_diffrn_radiation.pdbx_monochromatic_or_laue_m_l   M 
_diffrn_radiation.monochromator                    'Si(111)' 
_diffrn_radiation.pdbx_diffrn_protocol             'SINGLE WAVELENGTH' 
_diffrn_radiation.pdbx_scattering_type             x-ray 
# 
_diffrn_radiation_wavelength.id           1 
_diffrn_radiation_wavelength.wavelength   0.769 
_diffrn_radiation_wavelength.wt           1.0 
# 
_diffrn_source.diffrn_id                   1 
_diffrn_source.source                      SYNCHROTRON 
_diffrn_source.type                        'APS BEAMLINE 21-ID-D' 
_diffrn_source.pdbx_synchrotron_site       APS 
_diffrn_source.pdbx_synchrotron_beamline   21-ID-D 
_diffrn_source.pdbx_wavelength             0.769 
_diffrn_source.pdbx_wavelength_list        ? 
# 
_reflns.entry_id                     3SD8 
_reflns.observed_criterion_sigma_I   0 
_reflns.observed_criterion_sigma_F   0 
_reflns.d_resolution_low             32 
_reflns.d_resolution_high            1.67 
_reflns.number_obs                   6138 
_reflns.number_all                   6288 
_reflns.percent_possible_obs         97.59 
_reflns.pdbx_Rmerge_I_obs            0.059 
_reflns.pdbx_Rsym_value              ? 
_reflns.pdbx_netI_over_sigmaI        54.1 
_reflns.B_iso_Wilson_estimate        ? 
_reflns.pdbx_redundancy              8.8 
_reflns.R_free_details               ? 
_reflns.limit_h_max                  ? 
_reflns.limit_h_min                  ? 
_reflns.limit_k_max                  ? 
_reflns.limit_k_min                  ? 
_reflns.limit_l_max                  ? 
_reflns.limit_l_min                  ? 
_reflns.observed_criterion_F_max     ? 
_reflns.observed_criterion_F_min     ? 
_reflns.pdbx_chi_squared             ? 
_reflns.pdbx_scaling_rejects         ? 
_reflns.pdbx_ordinal                 1 
_reflns.pdbx_diffrn_id               1 
# 
_reflns_shell.d_res_high             1.67 
_reflns_shell.d_res_low              1.73 
_reflns_shell.percent_possible_all   97.4 
_reflns_shell.Rmerge_I_obs           0.387 
_reflns_shell.pdbx_Rsym_value        ? 
_reflns_shell.meanI_over_sigI_obs    5.8 
_reflns_shell.pdbx_redundancy        9.1 
_reflns_shell.percent_possible_obs   ? 
_reflns_shell.number_unique_all      ? 
_reflns_shell.number_measured_all    ? 
_reflns_shell.number_measured_obs    ? 
_reflns_shell.number_unique_obs      ? 
_reflns_shell.pdbx_chi_squared       ? 
_reflns_shell.pdbx_ordinal           1 
_reflns_shell.pdbx_diffrn_id         1 
# 
_refine.entry_id                                 3SD8 
_refine.ls_number_reflns_obs                     6138 
_refine.ls_number_reflns_all                     ? 
_refine.pdbx_ls_sigma_I                          ? 
_refine.pdbx_ls_sigma_F                          ? 
_refine.pdbx_data_cutoff_high_absF               ? 
_refine.pdbx_data_cutoff_low_absF                ? 
_refine.pdbx_data_cutoff_high_rms_absF           ? 
_refine.ls_d_res_low                             31.30 
_refine.ls_d_res_high                            1.67 
_refine.ls_percent_reflns_obs                    97.59 
_refine.ls_R_factor_obs                          0.19456 
_refine.ls_R_factor_all                          ? 
_refine.ls_R_factor_R_work                       0.19071 
_refine.ls_R_factor_R_free                       0.23793 
_refine.ls_R_factor_R_free_error                 ? 
_refine.ls_R_factor_R_free_error_details         ? 
_refine.ls_percent_reflns_R_free                 7.8 
_refine.ls_number_reflns_R_free                  516 
_refine.ls_number_parameters                     ? 
_refine.ls_number_restraints                     ? 
_refine.occupancy_min                            ? 
_refine.occupancy_max                            ? 
_refine.correlation_coeff_Fo_to_Fc               0.965 
_refine.correlation_coeff_Fo_to_Fc_free          0.956 
_refine.B_iso_mean                               27.377 
_refine.aniso_B[1][1]                            1.46 
_refine.aniso_B[2][2]                            -1.16 
_refine.aniso_B[3][3]                            -0.31 
_refine.aniso_B[1][2]                            0.00 
_refine.aniso_B[1][3]                            0.00 
_refine.aniso_B[2][3]                            0.00 
_refine.solvent_model_details                    MASK 
_refine.solvent_model_param_ksol                 ? 
_refine.solvent_model_param_bsol                 ? 
_refine.pdbx_solvent_vdw_probe_radii             1.40 
_refine.pdbx_solvent_ion_probe_radii             0.80 
_refine.pdbx_solvent_shrinkage_radii             0.80 
_refine.pdbx_ls_cross_valid_method               THROUGHOUT 
_refine.details                                  
;HYDROGENS HAVE BEEN ADDED IN THE RIDING POSITIONS 
U VALUES      : REFINED INDIVIDUALLY
;
_refine.pdbx_starting_model                      'PDB ENTRY 3EY2' 
_refine.pdbx_method_to_determine_struct          'MOLECULAR REPLACEMENT' 
_refine.pdbx_isotropic_thermal_model             ? 
_refine.pdbx_stereochemistry_target_values       'MAXIMUM LIKELIHOOD' 
_refine.pdbx_stereochem_target_val_spec_case     ? 
_refine.pdbx_R_Free_selection_details            RANDOM 
_refine.pdbx_overall_ESU_R_Free                  0.110 
_refine.overall_SU_ML                            0.080 
_refine.pdbx_overall_phase_error                 ? 
_refine.overall_SU_B                             5.459 
_refine.overall_SU_R_Cruickshank_DPI             ? 
_refine.ls_redundancy_reflns_obs                 ? 
_refine.B_iso_min                                ? 
_refine.B_iso_max                                ? 
_refine.overall_SU_R_free                        ? 
_refine.ls_wR_factor_R_free                      ? 
_refine.ls_wR_factor_R_work                      ? 
_refine.overall_FOM_free_R_set                   ? 
_refine.overall_FOM_work_R_set                   ? 
_refine.pdbx_diffrn_id                           1 
_refine.pdbx_refine_id                           'X-RAY DIFFRACTION' 
_refine.pdbx_overall_ESU_R                       0.147 
_refine.pdbx_TLS_residual_ADP_flag               ? 
_refine.pdbx_overall_SU_R_free_Cruickshank_DPI   ? 
_refine.pdbx_overall_SU_R_Blow_DPI               ? 
_refine.pdbx_overall_SU_R_free_Blow_DPI          ? 
# 
_refine_hist.pdbx_refine_id                   'X-RAY DIFFRACTION' 
_refine_hist.cycle_id                         LAST 
_refine_hist.pdbx_number_atoms_protein        0 
_refine_hist.pdbx_number_atoms_nucleic_acid   408 
_refine_hist.pdbx_number_atoms_ligand         1 
_refine_hist.number_atoms_solvent             29 
_refine_hist.number_atoms_total               438 
_refine_hist.d_res_high                       1.67 
_refine_hist.d_res_low                        31.30 
# 
loop_
_refine_ls_restr.type 
_refine_ls_restr.dev_ideal 
_refine_ls_restr.dev_ideal_target 
_refine_ls_restr.weight 
_refine_ls_restr.number 
_refine_ls_restr.pdbx_restraint_function 
_refine_ls_restr.pdbx_refine_id 
r_bond_refined_d     0.012 0.021 ? 454 ? 'X-RAY DIFFRACTION' 
r_angle_refined_deg  1.738 3.000 ? 690 ? 'X-RAY DIFFRACTION' 
r_chiral_restr       0.105 0.200 ? 76  ? 'X-RAY DIFFRACTION' 
r_gen_planes_refined 0.022 0.020 ? 210 ? 'X-RAY DIFFRACTION' 
r_scbond_it          4.782 3.000 ? 454 ? 'X-RAY DIFFRACTION' 
r_scangle_it         6.063 4.500 ? 690 ? 'X-RAY DIFFRACTION' 
r_rigid_bond_restr   3.435 3.000 ? 454 ? 'X-RAY DIFFRACTION' 
# 
_refine_ls_shell.pdbx_total_number_of_bins_used   20 
_refine_ls_shell.d_res_high                       1.668 
_refine_ls_shell.d_res_low                        1.712 
_refine_ls_shell.number_reflns_R_work             438 
_refine_ls_shell.R_factor_R_work                  0.226 
_refine_ls_shell.percent_reflns_obs               95.45 
_refine_ls_shell.R_factor_R_free                  0.311 
_refine_ls_shell.R_factor_R_free_error            ? 
_refine_ls_shell.percent_reflns_R_free            ? 
_refine_ls_shell.number_reflns_R_free             45 
_refine_ls_shell.number_reflns_all                ? 
_refine_ls_shell.R_factor_all                     ? 
_refine_ls_shell.number_reflns_obs                ? 
_refine_ls_shell.redundancy_reflns_obs            ? 
_refine_ls_shell.pdbx_refine_id                   'X-RAY DIFFRACTION' 
# 
_struct.entry_id                  3SD8 
_struct.title                     'Crystal structure of Ara-FHNA decamer DNA' 
_struct.pdbx_model_details        ? 
_struct.pdbx_CASP_flag            ? 
_struct.pdbx_model_type_details   ? 
# 
_struct_keywords.entry_id        3SD8 
_struct_keywords.pdbx_keywords   DNA 
_struct_keywords.text            
;A-form DNA, Ara-3'-fluoro hexitol nucleic acid, Ara-FHNA, antisense oligonucleotides, DNA
;
# 
loop_
_struct_asym.id 
_struct_asym.pdbx_blank_PDB_chainid_flag 
_struct_asym.pdbx_modified 
_struct_asym.entity_id 
_struct_asym.details 
A N N 1 ? 
B N N 1 ? 
C N N 2 ? 
D N N 3 ? 
E N N 3 ? 
# 
_struct_biol.id   1 
# 
loop_
_struct_conn.id 
_struct_conn.conn_type_id 
_struct_conn.pdbx_leaving_atom_flag 
_struct_conn.pdbx_PDB_id 
_struct_conn.ptnr1_label_asym_id 
_struct_conn.ptnr1_label_comp_id 
_struct_conn.ptnr1_label_seq_id 
_struct_conn.ptnr1_label_atom_id 
_struct_conn.pdbx_ptnr1_label_alt_id 
_struct_conn.pdbx_ptnr1_PDB_ins_code 
_struct_conn.pdbx_ptnr1_standard_comp_id 
_struct_conn.ptnr1_symmetry 
_struct_conn.ptnr2_label_asym_id 
_struct_conn.ptnr2_label_comp_id 
_struct_conn.ptnr2_label_seq_id 
_struct_conn.ptnr2_label_atom_id 
_struct_conn.pdbx_ptnr2_label_alt_id 
_struct_conn.pdbx_ptnr2_PDB_ins_code 
_struct_conn.ptnr1_auth_asym_id 
_struct_conn.ptnr1_auth_comp_id 
_struct_conn.ptnr1_auth_seq_id 
_struct_conn.ptnr2_auth_asym_id 
_struct_conn.ptnr2_auth_comp_id 
_struct_conn.ptnr2_auth_seq_id 
_struct_conn.ptnr2_symmetry 
_struct_conn.pdbx_ptnr3_label_atom_id 
_struct_conn.pdbx_ptnr3_label_seq_id 
_struct_conn.pdbx_ptnr3_label_comp_id 
_struct_conn.pdbx_ptnr3_label_asym_id 
_struct_conn.pdbx_ptnr3_label_alt_id 
_struct_conn.pdbx_ptnr3_PDB_ins_code 
_struct_conn.details 
_struct_conn.pdbx_dist_value 
_struct_conn.pdbx_value_order 
_struct_conn.pdbx_role 
covale1  covale both ? A DA  5  "O3'" ? ? ? 1_555 A F4H 6  P  ? ? A DA  105 A F4H 106 1_555 ? ? ? ? ? ? ?            1.593 ? ? 
covale2  covale both ? A F4H 6  "O4'" ? ? ? 1_555 A DA  7  P  ? ? A F4H 106 A DA  107 1_555 ? ? ? ? ? ? ?            1.632 ? ? 
covale3  covale both ? B DA  5  "O3'" ? ? ? 1_555 B F4H 6  P  ? ? B DA  205 B F4H 206 1_555 ? ? ? ? ? ? ?            1.595 ? ? 
covale4  covale both ? B F4H 6  "O4'" ? ? ? 1_555 B DA  7  P  ? ? B F4H 206 B DA  207 1_555 ? ? ? ? ? ? ?            1.572 ? ? 
hydrog1  hydrog ?    ? A DG  1  N1    ? ? ? 1_555 B DC  10 N3 ? ? A DG  101 B DC  210 1_555 ? ? ? ? ? ? WATSON-CRICK ?     ? ? 
hydrog2  hydrog ?    ? A DG  1  N2    ? ? ? 1_555 B DC  10 O2 ? ? A DG  101 B DC  210 1_555 ? ? ? ? ? ? WATSON-CRICK ?     ? ? 
hydrog3  hydrog ?    ? A DG  1  O6    ? ? ? 1_555 B DC  10 N4 ? ? A DG  101 B DC  210 1_555 ? ? ? ? ? ? WATSON-CRICK ?     ? ? 
hydrog4  hydrog ?    ? A DC  2  N3    ? ? ? 1_555 B DG  9  N1 ? ? A DC  102 B DG  209 1_555 ? ? ? ? ? ? WATSON-CRICK ?     ? ? 
hydrog5  hydrog ?    ? A DC  2  N4    ? ? ? 1_555 B DG  9  O6 ? ? A DC  102 B DG  209 1_555 ? ? ? ? ? ? WATSON-CRICK ?     ? ? 
hydrog6  hydrog ?    ? A DC  2  O2    ? ? ? 1_555 B DG  9  N2 ? ? A DC  102 B DG  209 1_555 ? ? ? ? ? ? WATSON-CRICK ?     ? ? 
hydrog7  hydrog ?    ? A DG  3  N1    ? ? ? 1_555 B DC  8  N3 ? ? A DG  103 B DC  208 1_555 ? ? ? ? ? ? WATSON-CRICK ?     ? ? 
hydrog8  hydrog ?    ? A DG  3  N2    ? ? ? 1_555 B DC  8  O2 ? ? A DG  103 B DC  208 1_555 ? ? ? ? ? ? WATSON-CRICK ?     ? ? 
hydrog9  hydrog ?    ? A DG  3  O6    ? ? ? 1_555 B DC  8  N4 ? ? A DG  103 B DC  208 1_555 ? ? ? ? ? ? WATSON-CRICK ?     ? ? 
hydrog10 hydrog ?    ? A DT  4  N3    ? ? ? 1_555 B DA  7  N1 ? ? A DT  104 B DA  207 1_555 ? ? ? ? ? ? WATSON-CRICK ?     ? ? 
hydrog11 hydrog ?    ? A DT  4  O4    ? ? ? 1_555 B DA  7  N6 ? ? A DT  104 B DA  207 1_555 ? ? ? ? ? ? WATSON-CRICK ?     ? ? 
hydrog12 hydrog ?    ? A DA  7  N1    ? ? ? 1_555 B DT  4  N3 ? ? A DA  107 B DT  204 1_555 ? ? ? ? ? ? WATSON-CRICK ?     ? ? 
hydrog13 hydrog ?    ? A DA  7  N6    ? ? ? 1_555 B DT  4  O4 ? ? A DA  107 B DT  204 1_555 ? ? ? ? ? ? WATSON-CRICK ?     ? ? 
hydrog14 hydrog ?    ? A DC  8  N3    ? ? ? 1_555 B DG  3  N1 ? ? A DC  108 B DG  203 1_555 ? ? ? ? ? ? WATSON-CRICK ?     ? ? 
hydrog15 hydrog ?    ? A DC  8  N4    ? ? ? 1_555 B DG  3  O6 ? ? A DC  108 B DG  203 1_555 ? ? ? ? ? ? WATSON-CRICK ?     ? ? 
hydrog16 hydrog ?    ? A DC  8  O2    ? ? ? 1_555 B DG  3  N2 ? ? A DC  108 B DG  203 1_555 ? ? ? ? ? ? WATSON-CRICK ?     ? ? 
hydrog17 hydrog ?    ? A DG  9  N1    ? ? ? 1_555 B DC  2  N3 ? ? A DG  109 B DC  202 1_555 ? ? ? ? ? ? WATSON-CRICK ?     ? ? 
hydrog18 hydrog ?    ? A DG  9  N2    ? ? ? 1_555 B DC  2  O2 ? ? A DG  109 B DC  202 1_555 ? ? ? ? ? ? WATSON-CRICK ?     ? ? 
hydrog19 hydrog ?    ? A DG  9  O6    ? ? ? 1_555 B DC  2  N4 ? ? A DG  109 B DC  202 1_555 ? ? ? ? ? ? WATSON-CRICK ?     ? ? 
hydrog20 hydrog ?    ? A DC  10 N3    ? ? ? 1_555 B DG  1  N1 ? ? A DC  110 B DG  201 1_555 ? ? ? ? ? ? WATSON-CRICK ?     ? ? 
hydrog21 hydrog ?    ? A DC  10 N4    ? ? ? 1_555 B DG  1  O6 ? ? A DC  110 B DG  201 1_555 ? ? ? ? ? ? WATSON-CRICK ?     ? ? 
hydrog22 hydrog ?    ? A DC  10 O2    ? ? ? 1_555 B DG  1  N2 ? ? A DC  110 B DG  201 1_555 ? ? ? ? ? ? WATSON-CRICK ?     ? ? 
# 
loop_
_struct_conn_type.id 
_struct_conn_type.criteria 
_struct_conn_type.reference 
covale ? ? 
hydrog ? ? 
# 
_struct_site.id                   AC1 
_struct_site.pdbx_evidence_code   Software 
_struct_site.pdbx_auth_asym_id    A 
_struct_site.pdbx_auth_comp_id    SR 
_struct_site.pdbx_auth_seq_id     1 
_struct_site.pdbx_auth_ins_code   ? 
_struct_site.pdbx_num_residues    1 
_struct_site.details              'BINDING SITE FOR RESIDUE SR A 1' 
# 
_struct_site_gen.id                   1 
_struct_site_gen.site_id              AC1 
_struct_site_gen.pdbx_num_res         1 
_struct_site_gen.label_comp_id        HOH 
_struct_site_gen.label_asym_id        D 
_struct_site_gen.label_seq_id         . 
_struct_site_gen.pdbx_auth_ins_code   ? 
_struct_site_gen.auth_comp_id         HOH 
_struct_site_gen.auth_asym_id         A 
_struct_site_gen.auth_seq_id          20 
_struct_site_gen.label_atom_id        . 
_struct_site_gen.label_alt_id         ? 
_struct_site_gen.symmetry             1_555 
_struct_site_gen.details              ? 
# 
_atom_sites.entry_id                    3SD8 
_atom_sites.fract_transf_matrix[1][1]   0.03228466 
_atom_sites.fract_transf_matrix[1][2]   0.00641018 
_atom_sites.fract_transf_matrix[1][3]   -0.01384970 
_atom_sites.fract_transf_matrix[2][1]   -0.00783809 
_atom_sites.fract_transf_matrix[2][2]   0.02005760 
_atom_sites.fract_transf_matrix[2][3]   -0.00898772 
_atom_sites.fract_transf_matrix[3][1]   0.00576492 
_atom_sites.fract_transf_matrix[3][2]   0.01043966 
_atom_sites.fract_transf_matrix[3][3]   0.01827031 
_atom_sites.fract_transf_vector[1]      0.140001 
_atom_sites.fract_transf_vector[2]      0.034077 
_atom_sites.fract_transf_vector[3]      0.218905 
# 
loop_
_atom_type.symbol 
C  
F  
N  
O  
P  
SR 
# 
loop_
_atom_site.group_PDB 
_atom_site.id 
_atom_site.type_symbol 
_atom_site.label_atom_id 
_atom_site.label_alt_id 
_atom_site.label_comp_id 
_atom_site.label_asym_id 
_atom_site.label_entity_id 
_atom_site.label_seq_id 
_atom_site.pdbx_PDB_ins_code 
_atom_site.Cartn_x 
_atom_site.Cartn_y 
_atom_site.Cartn_z 
_atom_site.occupancy 
_atom_site.B_iso_or_equiv 
_atom_site.pdbx_formal_charge 
_atom_site.auth_seq_id 
_atom_site.auth_comp_id 
_atom_site.auth_asym_id 
_atom_site.auth_atom_id 
_atom_site.pdbx_PDB_model_num 
ATOM   1   O  "O5'" . DG  A 1 1  ? -1.232  -5.883  9.932   1.00 39.41 ? 101 DG  A "O5'" 1 
ATOM   2   C  "C5'" . DG  A 1 1  ? -0.314  -6.436  10.850  1.00 34.00 ? 101 DG  A "C5'" 1 
ATOM   3   C  "C4'" . DG  A 1 1  ? 0.255   -7.715  10.288  1.00 29.98 ? 101 DG  A "C4'" 1 
ATOM   4   O  "O4'" . DG  A 1 1  ? -0.784  -8.693  10.102  1.00 31.02 ? 101 DG  A "O4'" 1 
ATOM   5   C  "C3'" . DG  A 1 1  ? 0.921   -7.621  8.931   1.00 29.47 ? 101 DG  A "C3'" 1 
ATOM   6   O  "O3'" . DG  A 1 1  ? 2.260   -7.195  9.120   1.00 30.60 ? 101 DG  A "O3'" 1 
ATOM   7   C  "C2'" . DG  A 1 1  ? 0.867   -9.069  8.445   1.00 27.33 ? 101 DG  A "C2'" 1 
ATOM   8   C  "C1'" . DG  A 1 1  ? -0.465  -9.525  9.002   1.00 25.67 ? 101 DG  A "C1'" 1 
ATOM   9   N  N9    . DG  A 1 1  ? -1.582  -9.421  8.065   1.00 27.49 ? 101 DG  A N9    1 
ATOM   10  C  C8    . DG  A 1 1  ? -2.717  -8.666  8.204   1.00 30.19 ? 101 DG  A C8    1 
ATOM   11  N  N7    . DG  A 1 1  ? -3.587  -8.842  7.243   1.00 30.12 ? 101 DG  A N7    1 
ATOM   12  C  C5    . DG  A 1 1  ? -2.994  -9.796  6.426   1.00 25.11 ? 101 DG  A C5    1 
ATOM   13  C  C6    . DG  A 1 1  ? -3.446  -10.372 5.226   1.00 24.49 ? 101 DG  A C6    1 
ATOM   14  O  O6    . DG  A 1 1  ? -4.533  -10.150 4.624   1.00 24.06 ? 101 DG  A O6    1 
ATOM   15  N  N1    . DG  A 1 1  ? -2.492  -11.267 4.704   1.00 23.88 ? 101 DG  A N1    1 
ATOM   16  C  C2    . DG  A 1 1  ? -1.300  -11.605 5.300   1.00 22.50 ? 101 DG  A C2    1 
ATOM   17  N  N2    . DG  A 1 1  ? -0.504  -12.476 4.640   1.00 23.51 ? 101 DG  A N2    1 
ATOM   18  N  N3    . DG  A 1 1  ? -0.884  -11.059 6.437   1.00 23.22 ? 101 DG  A N3    1 
ATOM   19  C  C4    . DG  A 1 1  ? -1.767  -10.175 6.930   1.00 25.35 ? 101 DG  A C4    1 
ATOM   20  P  P     . DC  A 1 2  ? 2.922   -6.220  8.050   1.00 31.54 ? 102 DC  A P     1 
ATOM   21  O  OP1   . DC  A 1 2  ? 4.238   -5.831  8.560   1.00 32.80 ? 102 DC  A OP1   1 
ATOM   22  O  OP2   . DC  A 1 2  ? 1.863   -5.224  7.762   1.00 31.18 ? 102 DC  A OP2   1 
ATOM   23  O  "O5'" . DC  A 1 2  ? 3.221   -7.098  6.747   1.00 31.97 ? 102 DC  A "O5'" 1 
ATOM   24  C  "C5'" . DC  A 1 2  ? 4.341   -7.977  6.713   1.00 28.87 ? 102 DC  A "C5'" 1 
ATOM   25  C  "C4'" . DC  A 1 2  ? 4.192   -8.945  5.573   1.00 29.90 ? 102 DC  A "C4'" 1 
ATOM   26  O  "O4'" . DC  A 1 2  ? 2.867   -9.493  5.637   1.00 26.44 ? 102 DC  A "O4'" 1 
ATOM   27  C  "C3'" . DC  A 1 2  ? 4.187   -8.286  4.223   1.00 31.91 ? 102 DC  A "C3'" 1 
ATOM   28  O  "O3'" . DC  A 1 2  ? 5.476   -8.106  3.723   1.00 35.84 ? 102 DC  A "O3'" 1 
ATOM   29  C  "C2'" . DC  A 1 2  ? 3.442   -9.296  3.368   1.00 30.87 ? 102 DC  A "C2'" 1 
ATOM   30  C  "C1'" . DC  A 1 2  ? 2.365   -9.700  4.330   1.00 28.12 ? 102 DC  A "C1'" 1 
ATOM   31  N  N1    . DC  A 1 2  ? 1.032   -9.034  4.138   1.00 23.45 ? 102 DC  A N1    1 
ATOM   32  C  C2    . DC  A 1 2  ? 0.220   -9.487  3.081   1.00 22.38 ? 102 DC  A C2    1 
ATOM   33  O  O2    . DC  A 1 2  ? 0.662   -10.395 2.388   1.00 22.65 ? 102 DC  A O2    1 
ATOM   34  N  N3    . DC  A 1 2  ? -1.034  -8.964  2.913   1.00 22.98 ? 102 DC  A N3    1 
ATOM   35  C  C4    . DC  A 1 2  ? -1.414  -7.971  3.738   1.00 23.04 ? 102 DC  A C4    1 
ATOM   36  N  N4    . DC  A 1 2  ? -2.601  -7.451  3.583   1.00 28.06 ? 102 DC  A N4    1 
ATOM   37  C  C5    . DC  A 1 2  ? -0.587  -7.479  4.793   1.00 23.71 ? 102 DC  A C5    1 
ATOM   38  C  C6    . DC  A 1 2  ? 0.616   -8.026  4.943   1.00 22.84 ? 102 DC  A C6    1 
ATOM   39  P  P     . DG  A 1 3  ? 5.674   -6.977  2.597   1.00 37.31 ? 103 DG  A P     1 
ATOM   40  O  OP1   . DG  A 1 3  ? 7.112   -6.786  2.413   1.00 34.42 ? 103 DG  A OP1   1 
ATOM   41  O  OP2   . DG  A 1 3  ? 4.778   -5.826  2.915   1.00 34.91 ? 103 DG  A OP2   1 
ATOM   42  O  "O5'" . DG  A 1 3  ? 5.023   -7.593  1.274   1.00 36.86 ? 103 DG  A "O5'" 1 
ATOM   43  C  "C5'" . DG  A 1 3  ? 5.626   -8.614  0.515   1.00 32.09 ? 103 DG  A "C5'" 1 
ATOM   44  C  "C4'" . DG  A 1 3  ? 4.638   -9.167  -0.495  1.00 27.43 ? 103 DG  A "C4'" 1 
ATOM   45  O  "O4'" . DG  A 1 3  ? 3.339   -9.350  0.109   1.00 25.59 ? 103 DG  A "O4'" 1 
ATOM   46  C  "C3'" . DG  A 1 3  ? 4.337   -8.239  -1.675  1.00 24.17 ? 103 DG  A "C3'" 1 
ATOM   47  O  "O3'" . DG  A 1 3  ? 5.396   -8.366  -2.593  1.00 25.67 ? 103 DG  A "O3'" 1 
ATOM   48  C  "C2'" . DG  A 1 3  ? 3.044   -8.880  -2.209  1.00 25.41 ? 103 DG  A "C2'" 1 
ATOM   49  C  "C1'" . DG  A 1 3  ? 2.352   -9.211  -0.903  1.00 24.68 ? 103 DG  A "C1'" 1 
ATOM   50  N  N9    . DG  A 1 3  ? 1.375   -8.221  -0.462  1.00 23.71 ? 103 DG  A N9    1 
ATOM   51  C  C8    . DG  A 1 3  ? 1.404   -7.430  0.655   1.00 22.14 ? 103 DG  A C8    1 
ATOM   52  N  N7    . DG  A 1 3  ? 0.333   -6.703  0.807   1.00 22.78 ? 103 DG  A N7    1 
ATOM   53  C  C5    . DG  A 1 3  ? -0.441  -7.021  -0.317  1.00 21.80 ? 103 DG  A C5    1 
ATOM   54  C  C6    . DG  A 1 3  ? -1.704  -6.562  -0.742  1.00 23.00 ? 103 DG  A C6    1 
ATOM   55  O  O6    . DG  A 1 3  ? -2.438  -5.751  -0.172  1.00 23.87 ? 103 DG  A O6    1 
ATOM   56  N  N1    . DG  A 1 3  ? -2.098  -7.143  -1.943  1.00 21.26 ? 103 DG  A N1    1 
ATOM   57  C  C2    . DG  A 1 3  ? -1.361  -8.039  -2.662  1.00 20.09 ? 103 DG  A C2    1 
ATOM   58  N  N2    . DG  A 1 3  ? -1.871  -8.530  -3.800  1.00 19.89 ? 103 DG  A N2    1 
ATOM   59  N  N3    . DG  A 1 3  ? -0.194  -8.502  -2.262  1.00 23.55 ? 103 DG  A N3    1 
ATOM   60  C  C4    . DG  A 1 3  ? 0.207   -7.930  -1.110  1.00 23.65 ? 103 DG  A C4    1 
ATOM   61  P  P     . DT  A 1 4  ? 5.601   -7.332  -3.774  1.00 28.17 ? 104 DT  A P     1 
ATOM   62  O  OP1   . DT  A 1 4  ? 6.889   -7.657  -4.405  1.00 31.95 ? 104 DT  A OP1   1 
ATOM   63  O  OP2   . DT  A 1 4  ? 5.428   -6.016  -3.123  1.00 27.14 ? 104 DT  A OP2   1 
ATOM   64  O  "O5'" . DT  A 1 4  ? 4.388   -7.557  -4.786  1.00 25.62 ? 104 DT  A "O5'" 1 
ATOM   65  C  "C5'" . DT  A 1 4  ? 4.410   -8.571  -5.747  1.00 26.46 ? 104 DT  A "C5'" 1 
ATOM   66  C  "C4'" . DT  A 1 4  ? 3.317   -8.295  -6.766  1.00 23.56 ? 104 DT  A "C4'" 1 
ATOM   67  O  "O4'" . DT  A 1 4  ? 2.026   -8.383  -6.122  1.00 22.23 ? 104 DT  A "O4'" 1 
ATOM   68  C  "C3'" . DT  A 1 4  ? 3.357   -6.882  -7.301  1.00 22.72 ? 104 DT  A "C3'" 1 
ATOM   69  O  "O3'" . DT  A 1 4  ? 4.284   -6.783  -8.388  1.00 27.18 ? 104 DT  A "O3'" 1 
ATOM   70  C  "C2'" . DT  A 1 4  ? 1.929   -6.702  -7.791  1.00 23.53 ? 104 DT  A "C2'" 1 
ATOM   71  C  "C1'" . DT  A 1 4  ? 1.150   -7.399  -6.686  1.00 21.74 ? 104 DT  A "C1'" 1 
ATOM   72  N  N1    . DT  A 1 4  ? 0.664   -6.469  -5.564  1.00 22.20 ? 104 DT  A N1    1 
ATOM   73  C  C2    . DT  A 1 4  ? -0.603  -5.946  -5.663  1.00 22.58 ? 104 DT  A C2    1 
ATOM   74  O  O2    . DT  A 1 4  ? -1.351  -6.130  -6.630  1.00 22.38 ? 104 DT  A O2    1 
ATOM   75  N  N3    . DT  A 1 4  ? -0.960  -5.162  -4.608  1.00 21.98 ? 104 DT  A N3    1 
ATOM   76  C  C4    . DT  A 1 4  ? -0.202  -4.864  -3.478  1.00 20.63 ? 104 DT  A C4    1 
ATOM   77  O  O4    . DT  A 1 4  ? -0.661  -4.185  -2.568  1.00 20.39 ? 104 DT  A O4    1 
ATOM   78  C  C5    . DT  A 1 4  ? 1.135   -5.446  -3.445  1.00 21.04 ? 104 DT  A C5    1 
ATOM   79  C  C7    . DT  A 1 4  ? 2.068   -5.164  -2.307  1.00 23.25 ? 104 DT  A C7    1 
ATOM   80  C  C6    . DT  A 1 4  ? 1.490   -6.239  -4.470  1.00 21.42 ? 104 DT  A C6    1 
ATOM   81  P  P     . DA  A 1 5  ? 5.018   -5.393  -8.666  1.00 28.67 ? 105 DA  A P     1 
ATOM   82  O  OP1   . DA  A 1 5  ? 5.968   -5.650  -9.761  1.00 29.43 ? 105 DA  A OP1   1 
ATOM   83  O  OP2   . DA  A 1 5  ? 5.521   -4.811  -7.381  1.00 30.54 ? 105 DA  A OP2   1 
ATOM   84  O  "O5'" . DA  A 1 5  ? 3.820   -4.516  -9.211  1.00 26.76 ? 105 DA  A "O5'" 1 
ATOM   85  C  "C5'" . DA  A 1 5  ? 3.788   -3.117  -8.929  1.00 28.59 ? 105 DA  A "C5'" 1 
ATOM   86  C  "C4'" . DA  A 1 5  ? 2.394   -2.651  -9.257  1.00 24.96 ? 105 DA  A "C4'" 1 
ATOM   87  O  "O4'" . DA  A 1 5  ? 1.425   -3.421  -8.501  1.00 26.56 ? 105 DA  A "O4'" 1 
ATOM   88  C  "C3'" . DA  A 1 5  ? 2.072   -1.218  -8.929  1.00 25.70 ? 105 DA  A "C3'" 1 
ATOM   89  O  "O3'" . DA  A 1 5  ? 2.559   -0.441  -9.976  1.00 32.62 ? 105 DA  A "O3'" 1 
ATOM   90  C  "C2'" . DA  A 1 5  ? 0.571   -1.308  -9.014  1.00 24.83 ? 105 DA  A "C2'" 1 
ATOM   91  C  "C1'" . DA  A 1 5  ? 0.311   -2.597  -8.232  1.00 24.09 ? 105 DA  A "C1'" 1 
ATOM   92  N  N9    . DA  A 1 5  ? 0.237   -2.355  -6.786  1.00 25.29 ? 105 DA  A N9    1 
ATOM   93  C  C8    . DA  A 1 5  ? 1.214   -2.579  -5.847  1.00 23.17 ? 105 DA  A C8    1 
ATOM   94  N  N7    . DA  A 1 5  ? 0.896   -2.195  -4.638  1.00 21.16 ? 105 DA  A N7    1 
ATOM   95  C  C5    . DA  A 1 5  ? -0.385  -1.655  -4.794  1.00 22.96 ? 105 DA  A C5    1 
ATOM   96  C  C6    . DA  A 1 5  ? -1.288  -1.069  -3.889  1.00 21.63 ? 105 DA  A C6    1 
ATOM   97  N  N6    . DA  A 1 5  ? -1.038  -0.903  -2.555  1.00 23.13 ? 105 DA  A N6    1 
ATOM   98  N  N1    . DA  A 1 5  ? -2.454  -0.605  -4.413  1.00 22.93 ? 105 DA  A N1    1 
ATOM   99  C  C2    . DA  A 1 5  ? -2.735  -0.784  -5.714  1.00 22.35 ? 105 DA  A C2    1 
ATOM   100 N  N3    . DA  A 1 5  ? -1.960  -1.321  -6.654  1.00 24.53 ? 105 DA  A N3    1 
ATOM   101 C  C4    . DA  A 1 5  ? -0.800  -1.747  -6.118  1.00 24.34 ? 105 DA  A C4    1 
HETATM 102 P  P     . F4H A 1 6  ? 2.978   1.079   -9.750  1.00 34.53 ? 106 F4H A P     1 
HETATM 103 N  N1    . F4H A 1 6  ? -1.539  2.542   -6.664  1.00 26.17 ? 106 F4H A N1    1 
HETATM 104 C  C2    . F4H A 1 6  ? -2.114  3.005   -5.467  1.00 25.97 ? 106 F4H A C2    1 
HETATM 105 O  O2    . F4H A 1 6  ? -3.339  3.584   -5.490  1.00 27.22 ? 106 F4H A O2    1 
HETATM 106 N  N3    . F4H A 1 6  ? -1.479  2.856   -4.293  1.00 24.92 ? 106 F4H A N3    1 
HETATM 107 C  C4    . F4H A 1 6  ? -0.281  2.246   -4.255  1.00 21.97 ? 106 F4H A C4    1 
HETATM 108 O  O4    . F4H A 1 6  ? 0.348   2.156   -3.052  1.00 25.03 ? 106 F4H A O4    1 
HETATM 109 C  C5    . F4H A 1 6  ? 0.331   1.824   -5.433  1.00 22.27 ? 106 F4H A C5    1 
HETATM 110 C  C6    . F4H A 1 6  ? -0.322  1.988   -6.652  1.00 24.89 ? 106 F4H A C6    1 
HETATM 111 C  "C1'" . F4H A 1 6  ? -2.254  1.675   -8.919  1.00 27.31 ? 106 F4H A "C1'" 1 
HETATM 112 C  "C2'" . F4H A 1 6  ? -2.284  2.796   -7.907  1.00 27.52 ? 106 F4H A "C2'" 1 
HETATM 113 C  "C3'" . F4H A 1 6  ? -1.768  4.068   -8.552  1.00 30.82 ? 106 F4H A "C3'" 1 
HETATM 114 F  "F3'" . F4H A 1 6  ? -1.759  5.104   -7.625  1.00 32.79 ? 106 F4H A "F3'" 1 
HETATM 115 C  "C4'" . F4H A 1 6  ? -0.410  3.839   -9.230  1.00 31.23 ? 106 F4H A "C4'" 1 
HETATM 116 O  "O4'" . F4H A 1 6  ? -0.019  5.012   -9.953  1.00 36.33 ? 106 F4H A "O4'" 1 
HETATM 117 C  "C5'" . F4H A 1 6  ? -0.484  2.662   -10.208 1.00 28.83 ? 106 F4H A "C5'" 1 
HETATM 118 O  "O5'" . F4H A 1 6  ? -0.952  1.527   -9.489  1.00 30.36 ? 106 F4H A "O5'" 1 
HETATM 119 C  C5M   . F4H A 1 6  ? 1.675   1.173   -5.400  1.00 24.81 ? 106 F4H A C5M   1 
HETATM 120 C  "C6'" . F4H A 1 6  ? 0.896   2.300   -10.754 1.00 31.42 ? 106 F4H A "C6'" 1 
HETATM 121 O  "O6'" . F4H A 1 6  ? 1.747   2.055   -9.640  1.00 34.11 ? 106 F4H A "O6'" 1 
HETATM 122 O  O1P   . F4H A 1 6  ? 3.875   1.563   -11.024 1.00 34.49 ? 106 F4H A O1P   1 
HETATM 123 O  O2P   . F4H A 1 6  ? 3.791   1.210   -8.359  1.00 36.70 ? 106 F4H A O2P   1 
ATOM   124 P  P     . DA  A 1 7  ? 1.107   6.039   -9.367  1.00 31.66 ? 107 DA  A P     1 
ATOM   125 O  OP1   . DA  A 1 7  ? 1.668   6.747   -10.537 1.00 33.80 ? 107 DA  A OP1   1 
ATOM   126 O  OP2   . DA  A 1 7  ? 2.123   5.397   -8.532  1.00 36.58 ? 107 DA  A OP2   1 
ATOM   127 O  "O5'" . DA  A 1 7  ? 0.402   7.135   -8.425  1.00 34.15 ? 107 DA  A "O5'" 1 
ATOM   128 C  "C5'" . DA  A 1 7  ? -0.667  7.937   -8.876  1.00 33.06 ? 107 DA  A "C5'" 1 
ATOM   129 C  "C4'" . DA  A 1 7  ? -1.381  8.666   -7.754  1.00 31.24 ? 107 DA  A "C4'" 1 
ATOM   130 O  "O4'" . DA  A 1 7  ? -2.159  7.739   -6.949  1.00 29.61 ? 107 DA  A "O4'" 1 
ATOM   131 C  "C3'" . DA  A 1 7  ? -0.511  9.393   -6.741  1.00 31.78 ? 107 DA  A "C3'" 1 
ATOM   132 O  "O3'" . DA  A 1 7  ? -0.169  10.707  -7.203  1.00 35.92 ? 107 DA  A "O3'" 1 
ATOM   133 C  "C2'" . DA  A 1 7  ? -1.501  9.521   -5.590  1.00 29.29 ? 107 DA  A "C2'" 1 
ATOM   134 C  "C1'" . DA  A 1 7  ? -2.102  8.129   -5.574  1.00 28.31 ? 107 DA  A "C1'" 1 
ATOM   135 N  N9    . DA  A 1 7  ? -1.258  7.217   -4.796  1.00 26.52 ? 107 DA  A N9    1 
ATOM   136 C  C8    . DA  A 1 7  ? -0.257  6.412   -5.262  1.00 24.22 ? 107 DA  A C8    1 
ATOM   137 N  N7    . DA  A 1 7  ? 0.367   5.751   -4.314  1.00 23.35 ? 107 DA  A N7    1 
ATOM   138 C  C5    . DA  A 1 7  ? -0.250  6.169   -3.155  1.00 22.96 ? 107 DA  A C5    1 
ATOM   139 C  C6    . DA  A 1 7  ? -0.027  5.865   -1.789  1.00 21.47 ? 107 DA  A C6    1 
ATOM   140 N  N6    . DA  A 1 7  ? 0.875   4.970   -1.367  1.00 23.05 ? 107 DA  A N6    1 
ATOM   141 N  N1    . DA  A 1 7  ? -0.826  6.477   -0.882  1.00 23.61 ? 107 DA  A N1    1 
ATOM   142 C  C2    . DA  A 1 7  ? -1.726  7.382   -1.298  1.00 24.91 ? 107 DA  A C2    1 
ATOM   143 N  N3    . DA  A 1 7  ? -1.998  7.753   -2.538  1.00 23.60 ? 107 DA  A N3    1 
ATOM   144 C  C4    . DA  A 1 7  ? -1.204  7.121   -3.426  1.00 24.55 ? 107 DA  A C4    1 
ATOM   145 P  P     . DC  A 1 8  ? 1.156   11.450  -6.717  1.00 37.42 ? 108 DC  A P     1 
ATOM   146 O  OP1   . DC  A 1 8  ? 1.189   12.740  -7.436  1.00 43.74 ? 108 DC  A OP1   1 
ATOM   147 O  OP2   . DC  A 1 8  ? 2.282   10.506  -6.824  1.00 37.76 ? 108 DC  A OP2   1 
ATOM   148 O  "O5'" . DC  A 1 8  ? 1.014   11.773  -5.148  1.00 34.10 ? 108 DC  A "O5'" 1 
ATOM   149 C  "C5'" . DC  A 1 8  ? 0.008   12.599  -4.645  1.00 32.13 ? 108 DC  A "C5'" 1 
ATOM   150 C  "C4'" . DC  A 1 8  ? -0.181  12.372  -3.159  1.00 30.86 ? 108 DC  A "C4'" 1 
ATOM   151 O  "O4'" . DC  A 1 8  ? -0.424  10.959  -2.905  1.00 28.92 ? 108 DC  A "O4'" 1 
ATOM   152 C  "C3'" . DC  A 1 8  ? 0.990   12.702  -2.233  1.00 30.55 ? 108 DC  A "C3'" 1 
ATOM   153 O  "O3'" . DC  A 1 8  ? 1.096   14.113  -2.037  1.00 33.02 ? 108 DC  A "O3'" 1 
ATOM   154 C  "C2'" . DC  A 1 8  ? 0.498   11.996  -0.979  1.00 28.59 ? 108 DC  A "C2'" 1 
ATOM   155 C  "C1'" . DC  A 1 8  ? -0.032  10.691  -1.579  1.00 28.79 ? 108 DC  A "C1'" 1 
ATOM   156 N  N1    . DC  A 1 8  ? 0.993   9.628   -1.571  1.00 26.11 ? 108 DC  A N1    1 
ATOM   157 C  C2    . DC  A 1 8  ? 1.230   9.018   -0.335  1.00 26.31 ? 108 DC  A C2    1 
ATOM   158 O  O2    . DC  A 1 8  ? 0.559   9.423   0.631   1.00 23.71 ? 108 DC  A O2    1 
ATOM   159 N  N3    . DC  A 1 8  ? 2.159   8.025   -0.259  1.00 25.47 ? 108 DC  A N3    1 
ATOM   160 C  C4    . DC  A 1 8  ? 2.839   7.682   -1.361  1.00 25.69 ? 108 DC  A C4    1 
ATOM   161 N  N4    . DC  A 1 8  ? 3.738   6.708   -1.275  1.00 24.38 ? 108 DC  A N4    1 
ATOM   162 C  C5    . DC  A 1 8  ? 2.618   8.311   -2.626  1.00 28.32 ? 108 DC  A C5    1 
ATOM   163 C  C6    . DC  A 1 8  ? 1.695   9.284   -2.689  1.00 27.53 ? 108 DC  A C6    1 
ATOM   164 P  P     . DG  A 1 9  ? 2.410   14.776  -1.437  1.00 31.79 ? 109 DG  A P     1 
ATOM   165 O  OP1   . DG  A 1 9  ? 2.291   16.258  -1.468  1.00 30.22 ? 109 DG  A OP1   1 
ATOM   166 O  OP2   . DG  A 1 9  ? 3.579   14.080  -1.980  1.00 33.22 ? 109 DG  A OP2   1 
ATOM   167 O  "O5'" . DG  A 1 9  ? 2.401   14.302  0.078   1.00 29.28 ? 109 DG  A "O5'" 1 
ATOM   168 C  "C5'" . DG  A 1 9  ? 1.543   14.933  1.012   1.00 28.88 ? 109 DG  A "C5'" 1 
ATOM   169 C  "C4'" . DG  A 1 9  ? 1.785   14.329  2.369   1.00 25.35 ? 109 DG  A "C4'" 1 
ATOM   170 O  "O4'" . DG  A 1 9  ? 1.621   12.899  2.296   1.00 25.09 ? 109 DG  A "O4'" 1 
ATOM   171 C  "C3'" . DG  A 1 9  ? 3.204   14.447  2.879   1.00 25.43 ? 109 DG  A "C3'" 1 
ATOM   172 O  "O3'" . DG  A 1 9  ? 3.355   15.721  3.377   1.00 29.26 ? 109 DG  A "O3'" 1 
ATOM   173 C  "C2'" . DG  A 1 9  ? 3.163   13.432  4.012   1.00 27.87 ? 109 DG  A "C2'" 1 
ATOM   174 C  "C1'" . DG  A 1 9  ? 2.499   12.308  3.232   1.00 24.66 ? 109 DG  A "C1'" 1 
ATOM   175 N  N9    . DG  A 1 9  ? 3.384   11.365  2.556   1.00 25.23 ? 109 DG  A N9    1 
ATOM   176 C  C8    . DG  A 1 9  ? 3.614   11.199  1.209   1.00 23.72 ? 109 DG  A C8    1 
ATOM   177 N  N7    . DG  A 1 9  ? 4.429   10.213  0.919   1.00 23.49 ? 109 DG  A N7    1 
ATOM   178 C  C5    . DG  A 1 9  ? 4.732   9.665   2.161   1.00 23.50 ? 109 DG  A C5    1 
ATOM   179 C  C6    . DG  A 1 9  ? 5.527   8.535   2.518   1.00 22.93 ? 109 DG  A C6    1 
ATOM   180 O  O6    . DG  A 1 9  ? 6.142   7.745   1.766   1.00 25.89 ? 109 DG  A O6    1 
ATOM   181 N  N1    . DG  A 1 9  ? 5.598   8.399   3.917   1.00 22.18 ? 109 DG  A N1    1 
ATOM   182 C  C2    . DG  A 1 9  ? 4.944   9.195   4.836   1.00 24.63 ? 109 DG  A C2    1 
ATOM   183 N  N2    . DG  A 1 9  ? 5.114   8.881   6.134   1.00 22.32 ? 109 DG  A N2    1 
ATOM   184 N  N3    . DG  A 1 9  ? 4.169   10.232  4.518   1.00 23.63 ? 109 DG  A N3    1 
ATOM   185 C  C4    . DG  A 1 9  ? 4.117   10.399  3.180   1.00 24.41 ? 109 DG  A C4    1 
ATOM   186 P  P     . DC  A 1 10 ? 4.821   16.338  3.561   1.00 29.86 ? 110 DC  A P     1 
ATOM   187 O  OP1   . DC  A 1 10 ? 4.566   17.682  4.072   1.00 30.65 ? 110 DC  A OP1   1 
ATOM   188 O  OP2   . DC  A 1 10 ? 5.602   16.109  2.315   1.00 30.64 ? 110 DC  A OP2   1 
ATOM   189 O  "O5'" . DC  A 1 10 ? 5.494   15.466  4.715   1.00 29.96 ? 110 DC  A "O5'" 1 
ATOM   190 C  "C5'" . DC  A 1 10 ? 5.054   15.511  6.085   1.00 25.38 ? 110 DC  A "C5'" 1 
ATOM   191 C  "C4'" . DC  A 1 10 ? 5.837   14.477  6.864   1.00 24.77 ? 110 DC  A "C4'" 1 
ATOM   192 O  "O4'" . DC  A 1 10 ? 5.620   13.130  6.391   1.00 24.20 ? 110 DC  A "O4'" 1 
ATOM   193 C  "C3'" . DC  A 1 10 ? 7.344   14.668  6.769   1.00 24.51 ? 110 DC  A "C3'" 1 
ATOM   194 O  "O3'" . DC  A 1 10 ? 7.776   15.643  7.707   1.00 23.77 ? 110 DC  A "O3'" 1 
ATOM   195 C  "C2'" . DC  A 1 10 ? 7.870   13.316  7.196   1.00 22.46 ? 110 DC  A "C2'" 1 
ATOM   196 C  "C1'" . DC  A 1 10 ? 6.811   12.390  6.627   1.00 22.34 ? 110 DC  A "C1'" 1 
ATOM   197 N  N1    . DC  A 1 10 ? 7.264   11.801  5.351   1.00 20.99 ? 110 DC  A N1    1 
ATOM   198 C  C2    . DC  A 1 10 ? 8.064   10.632  5.400   1.00 23.16 ? 110 DC  A C2    1 
ATOM   199 O  O2    . DC  A 1 10 ? 8.386   10.138  6.502   1.00 23.24 ? 110 DC  A O2    1 
ATOM   200 N  N3    . DC  A 1 10 ? 8.463   10.085  4.236   1.00 22.69 ? 110 DC  A N3    1 
ATOM   201 C  C4    . DC  A 1 10 ? 8.086   10.614  3.078   1.00 22.54 ? 110 DC  A C4    1 
ATOM   202 N  N4    . DC  A 1 10 ? 8.504   10.011  1.964   1.00 23.43 ? 110 DC  A N4    1 
ATOM   203 C  C5    . DC  A 1 10 ? 7.348   11.832  3.018   1.00 24.56 ? 110 DC  A C5    1 
ATOM   204 C  C6    . DC  A 1 10 ? 6.956   12.387  4.158   1.00 20.45 ? 110 DC  A C6    1 
ATOM   205 O  "O5'" . DG  B 1 1  ? 12.983  0.775   3.133   1.00 46.30 ? 201 DG  B "O5'" 1 
ATOM   206 C  "C5'" . DG  B 1 1  ? 13.475  0.304   4.373   1.00 44.07 ? 201 DG  B "C5'" 1 
ATOM   207 C  "C4'" . DG  B 1 1  ? 13.152  1.269   5.503   1.00 38.96 ? 201 DG  B "C4'" 1 
ATOM   208 O  "O4'" . DG  B 1 1  ? 13.626  2.608   5.203   1.00 40.46 ? 201 DG  B "O4'" 1 
ATOM   209 C  "C3'" . DG  B 1 1  ? 11.686  1.442   5.829   1.00 34.57 ? 201 DG  B "C3'" 1 
ATOM   210 O  "O3'" . DG  B 1 1  ? 11.268  0.396   6.667   1.00 32.55 ? 201 DG  B "O3'" 1 
ATOM   211 C  "C2'" . DG  B 1 1  ? 11.767  2.738   6.625   1.00 36.49 ? 201 DG  B "C2'" 1 
ATOM   212 C  "C1'" . DG  B 1 1  ? 12.717  3.534   5.723   1.00 35.81 ? 201 DG  B "C1'" 1 
ATOM   213 N  N9    . DG  B 1 1  ? 12.153  4.313   4.601   1.00 34.36 ? 201 DG  B N9    1 
ATOM   214 C  C8    . DG  B 1 1  ? 12.411  4.196   3.245   1.00 34.33 ? 201 DG  B C8    1 
ATOM   215 N  N7    . DG  B 1 1  ? 11.823  5.108   2.502   1.00 33.44 ? 201 DG  B N7    1 
ATOM   216 C  C5    . DG  B 1 1  ? 11.202  5.942   3.427   1.00 29.98 ? 201 DG  B C5    1 
ATOM   217 C  C6    . DG  B 1 1  ? 10.431  7.116   3.225   1.00 26.18 ? 201 DG  B C6    1 
ATOM   218 O  O6    . DG  B 1 1  ? 10.108  7.677   2.156   1.00 27.82 ? 201 DG  B O6    1 
ATOM   219 N  N1    . DG  B 1 1  ? 9.959   7.606   4.430   1.00 23.64 ? 201 DG  B N1    1 
ATOM   220 C  C2    . DG  B 1 1  ? 10.243  7.077   5.686   1.00 25.97 ? 201 DG  B C2    1 
ATOM   221 N  N2    . DG  B 1 1  ? 9.721   7.690   6.755   1.00 23.11 ? 201 DG  B N2    1 
ATOM   222 N  N3    . DG  B 1 1  ? 10.974  5.984   5.879   1.00 28.78 ? 201 DG  B N3    1 
ATOM   223 C  C4    . DG  B 1 1  ? 11.409  5.471   4.716   1.00 30.37 ? 201 DG  B C4    1 
ATOM   224 P  P     . DC  B 1 2  ? 9.769   -0.124  6.618   1.00 34.74 ? 202 DC  B P     1 
ATOM   225 O  OP1   . DC  B 1 2  ? 9.695   -1.280  7.544   1.00 35.91 ? 202 DC  B OP1   1 
ATOM   226 O  OP2   . DC  B 1 2  ? 9.384   -0.242  5.192   1.00 33.78 ? 202 DC  B OP2   1 
ATOM   227 O  "O5'" . DC  B 1 2  ? 8.892   0.987   7.320   1.00 35.74 ? 202 DC  B "O5'" 1 
ATOM   228 C  "C5'" . DC  B 1 2  ? 9.047   1.189   8.741   1.00 31.57 ? 202 DC  B "C5'" 1 
ATOM   229 C  "C4'" . DC  B 1 2  ? 8.341   2.464   9.194   1.00 31.02 ? 202 DC  B "C4'" 1 
ATOM   230 O  "O4'" . DC  B 1 2  ? 8.903   3.555   8.426   1.00 28.62 ? 202 DC  B "O4'" 1 
ATOM   231 C  "C3'" . DC  B 1 2  ? 6.858   2.526   8.875   1.00 29.51 ? 202 DC  B "C3'" 1 
ATOM   232 O  "O3'" . DC  B 1 2  ? 6.029   1.826   9.829   1.00 30.62 ? 202 DC  B "O3'" 1 
ATOM   233 C  "C2'" . DC  B 1 2  ? 6.598   4.047   8.825   1.00 27.14 ? 202 DC  B "C2'" 1 
ATOM   234 C  "C1'" . DC  B 1 2  ? 7.882   4.526   8.161   1.00 25.96 ? 202 DC  B "C1'" 1 
ATOM   235 N  N1    . DC  B 1 2  ? 7.742   4.741   6.668   1.00 25.30 ? 202 DC  B N1    1 
ATOM   236 C  C2    . DC  B 1 2  ? 7.060   5.866   6.176   1.00 22.43 ? 202 DC  B C2    1 
ATOM   237 O  O2    . DC  B 1 2  ? 6.629   6.696   6.982   1.00 22.09 ? 202 DC  B O2    1 
ATOM   238 N  N3    . DC  B 1 2  ? 6.962   6.056   4.831   1.00 22.48 ? 202 DC  B N3    1 
ATOM   239 C  C4    . DC  B 1 2  ? 7.425   5.127   3.987   1.00 25.04 ? 202 DC  B C4    1 
ATOM   240 N  N4    . DC  B 1 2  ? 7.303   5.318   2.653   1.00 26.66 ? 202 DC  B N4    1 
ATOM   241 C  C5    . DC  B 1 2  ? 8.137   3.995   4.481   1.00 26.22 ? 202 DC  B C5    1 
ATOM   242 C  C6    . DC  B 1 2  ? 8.213   3.809   5.805   1.00 22.60 ? 202 DC  B C6    1 
ATOM   243 P  P     . DG  B 1 3  ? 4.608   1.308   9.283   1.00 38.74 ? 203 DG  B P     1 
ATOM   244 O  OP1   . DG  B 1 3  ? 3.853   0.646   10.372  1.00 38.97 ? 203 DG  B OP1   1 
ATOM   245 O  OP2   . DG  B 1 3  ? 4.869   0.626   8.004   1.00 41.02 ? 203 DG  B OP2   1 
ATOM   246 O  "O5'" . DG  B 1 3  ? 3.762   2.607   8.847   1.00 36.84 ? 203 DG  B "O5'" 1 
ATOM   247 C  "C5'" . DG  B 1 3  ? 2.998   3.324   9.778   1.00 33.82 ? 203 DG  B "C5'" 1 
ATOM   248 C  "C4'" . DG  B 1 3  ? 2.611   4.652   9.174   1.00 29.38 ? 203 DG  B "C4'" 1 
ATOM   249 O  "O4'" . DG  B 1 3  ? 3.641   5.170   8.303   1.00 29.07 ? 203 DG  B "O4'" 1 
ATOM   250 C  "C3'" . DG  B 1 3  ? 1.438   4.553   8.241   1.00 25.81 ? 203 DG  B "C3'" 1 
ATOM   251 O  "O3'" . DG  B 1 3  ? 0.317   4.372   9.042   1.00 27.17 ? 203 DG  B "O3'" 1 
ATOM   252 C  "C2'" . DG  B 1 3  ? 1.512   5.942   7.591   1.00 23.72 ? 203 DG  B "C2'" 1 
ATOM   253 C  "C1'" . DG  B 1 3  ? 3.012   5.991   7.336   1.00 26.14 ? 203 DG  B "C1'" 1 
ATOM   254 N  N9    . DG  B 1 3  ? 3.375   5.546   5.993   1.00 22.94 ? 203 DG  B N9    1 
ATOM   255 C  C8    . DG  B 1 3  ? 4.076   4.413   5.622   1.00 21.29 ? 203 DG  B C8    1 
ATOM   256 N  N7    . DG  B 1 3  ? 4.246   4.312   4.340   1.00 21.96 ? 203 DG  B N7    1 
ATOM   257 C  C5    . DG  B 1 3  ? 3.537   5.397   3.815   1.00 24.27 ? 203 DG  B C5    1 
ATOM   258 C  C6    . DG  B 1 3  ? 3.355   5.815   2.467   1.00 22.02 ? 203 DG  B C6    1 
ATOM   259 O  O6    . DG  B 1 3  ? 3.758   5.275   1.435   1.00 24.47 ? 203 DG  B O6    1 
ATOM   260 N  N1    . DG  B 1 3  ? 2.561   6.949   2.366   1.00 22.14 ? 203 DG  B N1    1 
ATOM   261 C  C2    . DG  B 1 3  ? 2.098   7.661   3.442   1.00 21.85 ? 203 DG  B C2    1 
ATOM   262 N  N2    . DG  B 1 3  ? 1.343   8.732   3.145   1.00 22.70 ? 203 DG  B N2    1 
ATOM   263 N  N3    . DG  B 1 3  ? 2.277   7.283   4.725   1.00 20.79 ? 203 DG  B N3    1 
ATOM   264 C  C4    . DG  B 1 3  ? 2.996   6.154   4.821   1.00 22.80 ? 203 DG  B C4    1 
ATOM   265 P  P     . DT  B 1 4  ? -1.063  3.795   8.457   1.00 28.43 ? 204 DT  B P     1 
ATOM   266 O  OP1   . DT  B 1 4  ? -1.969  3.618   9.612   1.00 29.85 ? 204 DT  B OP1   1 
ATOM   267 O  OP2   . DT  B 1 4  ? -0.756  2.630   7.595   1.00 25.40 ? 204 DT  B OP2   1 
ATOM   268 O  "O5'" . DT  B 1 4  ? -1.609  4.996   7.542   1.00 29.37 ? 204 DT  B "O5'" 1 
ATOM   269 C  "C5'" . DT  B 1 4  ? -2.162  6.148   8.141   1.00 26.66 ? 204 DT  B "C5'" 1 
ATOM   270 C  "C4'" . DT  B 1 4  ? -2.764  7.036   7.092   1.00 23.48 ? 204 DT  B "C4'" 1 
ATOM   271 O  "O4'" . DT  B 1 4  ? -1.699  7.507   6.253   1.00 25.56 ? 204 DT  B "O4'" 1 
ATOM   272 C  "C3'" . DT  B 1 4  ? -3.698  6.355   6.108   1.00 21.04 ? 204 DT  B "C3'" 1 
ATOM   273 O  "O3'" . DT  B 1 4  ? -4.968  6.167   6.639   1.00 24.77 ? 204 DT  B "O3'" 1 
ATOM   274 C  "C2'" . DT  B 1 4  ? -3.729  7.438   5.041   1.00 23.81 ? 204 DT  B "C2'" 1 
ATOM   275 C  "C1'" . DT  B 1 4  ? -2.220  7.678   4.943   1.00 24.66 ? 204 DT  B "C1'" 1 
ATOM   276 N  N1    . DT  B 1 4  ? -1.488  6.752   4.010   1.00 21.75 ? 204 DT  B N1    1 
ATOM   277 C  C2    . DT  B 1 4  ? -1.459  7.034   2.667   1.00 24.03 ? 204 DT  B C2    1 
ATOM   278 O  O2    . DT  B 1 4  ? -2.070  7.962   2.182   1.00 24.11 ? 204 DT  B O2    1 
ATOM   279 N  N3    . DT  B 1 4  ? -0.756  6.149   1.885   1.00 23.89 ? 204 DT  B N3    1 
ATOM   280 C  C4    . DT  B 1 4  ? -0.037  5.042   2.317   1.00 24.44 ? 204 DT  B C4    1 
ATOM   281 O  O4    . DT  B 1 4  ? 0.602   4.343   1.534   1.00 22.32 ? 204 DT  B O4    1 
ATOM   282 C  C5    . DT  B 1 4  ? -0.057  4.835   3.760   1.00 23.34 ? 204 DT  B C5    1 
ATOM   283 C  C7    . DT  B 1 4  ? 0.652   3.690   4.412   1.00 22.88 ? 204 DT  B C7    1 
ATOM   284 C  C6    . DT  B 1 4  ? -0.756  5.697   4.510   1.00 21.99 ? 204 DT  B C6    1 
ATOM   285 P  P     . DA  B 1 5  ? -5.866  4.922   6.218   1.00 26.19 ? 205 DA  B P     1 
ATOM   286 O  OP1   . DA  B 1 5  ? -7.087  5.075   7.005   1.00 25.00 ? 205 DA  B OP1   1 
ATOM   287 O  OP2   . DA  B 1 5  ? -5.046  3.661   6.226   1.00 26.67 ? 205 DA  B OP2   1 
ATOM   288 O  "O5'" . DA  B 1 5  ? -6.230  5.206   4.698   1.00 25.46 ? 205 DA  B "O5'" 1 
ATOM   289 C  "C5'" . DA  B 1 5  ? -7.237  6.210   4.371   1.00 27.10 ? 205 DA  B "C5'" 1 
ATOM   290 C  "C4'" . DA  B 1 5  ? -7.356  6.372   2.880   1.00 25.06 ? 205 DA  B "C4'" 1 
ATOM   291 O  "O4'" . DA  B 1 5  ? -6.076  6.779   2.373   1.00 24.54 ? 205 DA  B "O4'" 1 
ATOM   292 C  "C3'" . DA  B 1 5  ? -7.594  5.081   2.105   1.00 23.51 ? 205 DA  B "C3'" 1 
ATOM   293 O  "O3'" . DA  B 1 5  ? -8.951  4.704   2.169   1.00 27.44 ? 205 DA  B "O3'" 1 
ATOM   294 C  "C2'" . DA  B 1 5  ? -7.213  5.607   0.736   1.00 25.77 ? 205 DA  B "C2'" 1 
ATOM   295 C  "C1'" . DA  B 1 5  ? -5.905  6.286   1.064   1.00 23.92 ? 205 DA  B "C1'" 1 
ATOM   296 N  N9    . DA  B 1 5  ? -4.752  5.371   1.011   1.00 23.10 ? 205 DA  B N9    1 
ATOM   297 C  C8    . DA  B 1 5  ? -4.104  4.773   2.063   1.00 20.80 ? 205 DA  B C8    1 
ATOM   298 N  N7    . DA  B 1 5  ? -3.121  3.984   1.685   1.00 19.87 ? 205 DA  B N7    1 
ATOM   299 C  C5    . DA  B 1 5  ? -3.129  4.073   0.296   1.00 20.80 ? 205 DA  B C5    1 
ATOM   300 C  C6    . DA  B 1 5  ? -2.393  3.396   -0.713  1.00 19.33 ? 205 DA  B C6    1 
ATOM   301 N  N6    . DA  B 1 5  ? -1.369  2.555   -0.433  1.00 19.84 ? 205 DA  B N6    1 
ATOM   302 N  N1    . DA  B 1 5  ? -2.651  3.707   -2.013  1.00 22.62 ? 205 DA  B N1    1 
ATOM   303 C  C2    . DA  B 1 5  ? -3.669  4.536   -2.280  1.00 21.66 ? 205 DA  B C2    1 
ATOM   304 N  N3    . DA  B 1 5  ? -4.472  5.184   -1.418  1.00 21.81 ? 205 DA  B N3    1 
ATOM   305 C  C4    . DA  B 1 5  ? -4.160  4.882   -0.131  1.00 22.13 ? 205 DA  B C4    1 
HETATM 306 P  P     . F4H B 1 6  ? -9.410  3.206   1.869   1.00 31.30 ? 206 F4H B P     1 
HETATM 307 N  N1    . F4H B 1 6  ? -6.370  2.113   -2.944  1.00 23.17 ? 206 F4H B N1    1 
HETATM 308 C  C2    . F4H B 1 6  ? -5.414  1.368   -3.646  1.00 24.12 ? 206 F4H B C2    1 
HETATM 309 O  O2    . F4H B 1 6  ? -5.455  1.262   -4.994  1.00 27.02 ? 206 F4H B O2    1 
HETATM 310 N  N3    . F4H B 1 6  ? -4.469  0.695   -2.997  1.00 22.98 ? 206 F4H B N3    1 
HETATM 311 C  C4    . F4H B 1 6  ? -4.424  0.694   -1.663  1.00 21.41 ? 206 F4H B C4    1 
HETATM 312 O  O4    . F4H B 1 6  ? -3.485  -0.056  -1.077  1.00 24.84 ? 206 F4H B O4    1 
HETATM 313 C  C5    . F4H B 1 6  ? -5.338  1.403   -0.908  1.00 21.38 ? 206 F4H B C5    1 
HETATM 314 C  C6    . F4H B 1 6  ? -6.323  2.125   -1.586  1.00 24.57 ? 206 F4H B C6    1 
HETATM 315 C  "C1'" . F4H B 1 6  ? -7.729  4.260   -3.129  1.00 28.77 ? 206 F4H B "C1'" 1 
HETATM 316 C  "C2'" . F4H B 1 6  ? -7.415  2.859   -3.694  1.00 27.18 ? 206 F4H B "C2'" 1 
HETATM 317 C  "C3'" . F4H B 1 6  ? -8.690  2.043   -3.757  1.00 30.23 ? 206 F4H B "C3'" 1 
HETATM 318 F  "F3'" . F4H B 1 6  ? -8.364  0.767   -4.132  1.00 29.40 ? 206 F4H B "F3'" 1 
HETATM 319 C  "C4'" . F4H B 1 6  ? -9.398  2.042   -2.406  1.00 27.94 ? 206 F4H B "C4'" 1 
HETATM 320 O  "O4'" . F4H B 1 6  ? -10.651 1.355   -2.506  1.00 29.97 ? 206 F4H B "O4'" 1 
HETATM 321 C  "C5'" . F4H B 1 6  ? -9.694  3.468   -1.984  1.00 27.61 ? 206 F4H B "C5'" 1 
HETATM 322 O  "O5'" . F4H B 1 6  ? -8.466  4.178   -1.906  1.00 29.16 ? 206 F4H B "O5'" 1 
HETATM 323 C  C5M   . F4H B 1 6  ? -5.246  1.413   0.607   1.00 22.82 ? 206 F4H B C5M   1 
HETATM 324 C  "C6'" . F4H B 1 6  ? -10.300 3.449   -0.594  1.00 29.90 ? 206 F4H B "C6'" 1 
HETATM 325 O  "O6'" . F4H B 1 6  ? -9.301  2.971   0.308   1.00 30.10 ? 206 F4H B "O6'" 1 
HETATM 326 O  O1P   . F4H B 1 6  ? -10.922 3.049   2.386   1.00 33.77 ? 206 F4H B O1P   1 
HETATM 327 O  O2P   . F4H B 1 6  ? -8.391  2.183   2.607   1.00 31.59 ? 206 F4H B O2P   1 
ATOM   328 P  P     . DA  B 1 7  ? -11.030 -0.105  -2.064  1.00 32.53 ? 207 DA  B P     1 
ATOM   329 O  OP1   . DA  B 1 7  ? -12.503 -0.083  -1.988  1.00 33.12 ? 207 DA  B OP1   1 
ATOM   330 O  OP2   . DA  B 1 7  ? -10.248 -0.525  -0.873  1.00 35.27 ? 207 DA  B OP2   1 
ATOM   331 O  "O5'" . DA  B 1 7  ? -10.571 -1.105  -3.233  1.00 33.80 ? 207 DA  B "O5'" 1 
ATOM   332 C  "C5'" . DA  B 1 7  ? -11.225 -1.148  -4.482  1.00 31.71 ? 207 DA  B "C5'" 1 
ATOM   333 C  "C4'" . DA  B 1 7  ? -10.453 -1.977  -5.494  1.00 31.23 ? 207 DA  B "C4'" 1 
ATOM   334 O  "O4'" . DA  B 1 7  ? -9.135  -1.420  -5.735  1.00 29.06 ? 207 DA  B "O4'" 1 
ATOM   335 C  "C3'" . DA  B 1 7  ? -10.169 -3.405  -5.073  1.00 32.39 ? 207 DA  B "C3'" 1 
ATOM   336 O  "O3'" . DA  B 1 7  ? -11.310 -4.227  -5.330  1.00 35.21 ? 207 DA  B "O3'" 1 
ATOM   337 C  "C2'" . DA  B 1 7  ? -9.010  -3.756  -5.993  1.00 29.25 ? 207 DA  B "C2'" 1 
ATOM   338 C  "C1'" . DA  B 1 7  ? -8.204  -2.476  -5.949  1.00 25.01 ? 207 DA  B "C1'" 1 
ATOM   339 N  N9    . DA  B 1 7  ? -7.200  -2.530  -4.884  1.00 25.86 ? 207 DA  B N9    1 
ATOM   340 C  C8    . DA  B 1 7  ? -7.335  -2.130  -3.580  1.00 25.87 ? 207 DA  B C8    1 
ATOM   341 N  N7    . DA  B 1 7  ? -6.262  -2.314  -2.846  1.00 21.88 ? 207 DA  B N7    1 
ATOM   342 C  C5    . DA  B 1 7  ? -5.374  -2.900  -3.736  1.00 20.33 ? 207 DA  B C5    1 
ATOM   343 C  C6    . DA  B 1 7  ? -4.056  -3.343  -3.592  1.00 20.50 ? 207 DA  B C6    1 
ATOM   344 N  N6    . DA  B 1 7  ? -3.375  -3.294  -2.427  1.00 19.92 ? 207 DA  B N6    1 
ATOM   345 N  N1    . DA  B 1 7  ? -3.462  -3.881  -4.684  1.00 22.15 ? 207 DA  B N1    1 
ATOM   346 C  C2    . DA  B 1 7  ? -4.124  -3.965  -5.834  1.00 23.70 ? 207 DA  B C2    1 
ATOM   347 N  N3    . DA  B 1 7  ? -5.359  -3.560  -6.107  1.00 23.80 ? 207 DA  B N3    1 
ATOM   348 C  C4    . DA  B 1 7  ? -5.932  -3.018  -5.006  1.00 22.40 ? 207 DA  B C4    1 
ATOM   349 P  P     . DC  B 1 8  ? -11.547 -5.613  -4.544  1.00 40.19 ? 208 DC  B P     1 
ATOM   350 O  OP1   . DC  B 1 8  ? -12.835 -6.122  -5.002  1.00 38.99 ? 208 DC  B OP1   1 
ATOM   351 O  OP2   . DC  B 1 8  ? -11.279 -5.482  -3.079  1.00 40.38 ? 208 DC  B OP2   1 
ATOM   352 O  "O5'" . DC  B 1 8  ? -10.367 -6.552  -5.109  1.00 34.48 ? 208 DC  B "O5'" 1 
ATOM   353 C  "C5'" . DC  B 1 8  ? -10.271 -6.969  -6.460  1.00 31.70 ? 208 DC  B "C5'" 1 
ATOM   354 C  "C4'" . DC  B 1 8  ? -8.921  -7.634  -6.673  1.00 28.52 ? 208 DC  B "C4'" 1 
ATOM   355 O  "O4'" . DC  B 1 8  ? -7.891  -6.675  -6.371  1.00 26.69 ? 208 DC  B "O4'" 1 
ATOM   356 C  "C3'" . DC  B 1 8  ? -8.560  -8.772  -5.732  1.00 31.88 ? 208 DC  B "C3'" 1 
ATOM   357 O  "O3'" . DC  B 1 8  ? -9.108  -10.023 -6.178  1.00 35.38 ? 208 DC  B "O3'" 1 
ATOM   358 C  "C2'" . DC  B 1 8  ? -7.028  -8.777  -5.796  1.00 26.76 ? 208 DC  B "C2'" 1 
ATOM   359 C  "C1'" . DC  B 1 8  ? -6.715  -7.284  -5.874  1.00 22.99 ? 208 DC  B "C1'" 1 
ATOM   360 N  N1    . DC  B 1 8  ? -6.379  -6.731  -4.506  1.00 21.87 ? 208 DC  B N1    1 
ATOM   361 C  C2    . DC  B 1 8  ? -5.076  -6.925  -4.048  1.00 21.75 ? 208 DC  B C2    1 
ATOM   362 O  O2    . DC  B 1 8  ? -4.272  -7.459  -4.816  1.00 22.24 ? 208 DC  B O2    1 
ATOM   363 N  N3    . DC  B 1 8  ? -4.728  -6.484  -2.812  1.00 19.84 ? 208 DC  B N3    1 
ATOM   364 C  C4    . DC  B 1 8  ? -5.659  -5.911  -2.027  1.00 22.06 ? 208 DC  B C4    1 
ATOM   365 N  N4    . DC  B 1 8  ? -5.287  -5.498  -0.801  1.00 24.06 ? 208 DC  B N4    1 
ATOM   366 C  C5    . DC  B 1 8  ? -7.014  -5.757  -2.443  1.00 21.92 ? 208 DC  B C5    1 
ATOM   367 C  C6    . DC  B 1 8  ? -7.334  -6.181  -3.691  1.00 24.53 ? 208 DC  B C6    1 
ATOM   368 P  P     . DG  B 1 9  ? -9.252  -11.169 -5.079  1.00 36.01 ? 209 DG  B P     1 
ATOM   369 O  OP1   . DG  B 1 9  ? -10.083 -12.194 -5.697  1.00 37.49 ? 209 DG  B OP1   1 
ATOM   370 O  OP2   . DG  B 1 9  ? -9.610  -10.525 -3.768  1.00 38.65 ? 209 DG  B OP2   1 
ATOM   371 O  "O5'" . DG  B 1 9  ? -7.762  -11.736 -4.884  1.00 34.67 ? 209 DG  B "O5'" 1 
ATOM   372 C  "C5'" . DG  B 1 9  ? -6.994  -12.305 -5.892  1.00 29.01 ? 209 DG  B "C5'" 1 
ATOM   373 C  "C4'" . DG  B 1 9  ? -5.585  -12.489 -5.345  1.00 25.97 ? 209 DG  B "C4'" 1 
ATOM   374 O  "O4'" . DG  B 1 9  ? -5.142  -11.207 -4.838  1.00 24.73 ? 209 DG  B "O4'" 1 
ATOM   375 C  "C3'" . DG  B 1 9  ? -5.392  -13.417 -4.143  1.00 26.69 ? 209 DG  B "C3'" 1 
ATOM   376 O  "O3'" . DG  B 1 9  ? -5.068  -14.696 -4.646  1.00 27.14 ? 209 DG  B "O3'" 1 
ATOM   377 C  "C2'" . DG  B 1 9  ? -4.094  -12.889 -3.566  1.00 22.84 ? 209 DG  B "C2'" 1 
ATOM   378 C  "C1'" . DG  B 1 9  ? -4.159  -11.397 -3.845  1.00 23.67 ? 209 DG  B "C1'" 1 
ATOM   379 N  N9    . DG  B 1 9  ? -4.554  -10.625 -2.661  1.00 20.49 ? 209 DG  B N9    1 
ATOM   380 C  C8    . DG  B 1 9  ? -5.737  -9.950  -2.428  1.00 17.50 ? 209 DG  B C8    1 
ATOM   381 N  N7    . DG  B 1 9  ? -5.731  -9.322  -1.277  1.00 22.18 ? 209 DG  B N7    1 
ATOM   382 C  C5    . DG  B 1 9  ? -4.473  -9.590  -0.727  1.00 19.04 ? 209 DG  B C5    1 
ATOM   383 C  C6    . DG  B 1 9  ? -3.861  -9.153  0.488   1.00 22.57 ? 209 DG  B C6    1 
ATOM   384 O  O6    . DG  B 1 9  ? -4.336  -8.426  1.392   1.00 24.04 ? 209 DG  B O6    1 
ATOM   385 N  N1    . DG  B 1 9  ? -2.573  -9.675  0.625   1.00 19.02 ? 209 DG  B N1    1 
ATOM   386 C  C2    . DG  B 1 9  ? -1.966  -10.546 -0.237  1.00 20.58 ? 209 DG  B C2    1 
ATOM   387 N  N2    . DG  B 1 9  ? -0.713  -10.921 0.088   1.00 22.56 ? 209 DG  B N2    1 
ATOM   388 N  N3    . DG  B 1 9  ? -2.489  -10.874 -1.411  1.00 19.76 ? 209 DG  B N3    1 
ATOM   389 C  C4    . DG  B 1 9  ? -3.742  -10.389 -1.572  1.00 18.11 ? 209 DG  B C4    1 
ATOM   390 P  P     . DC  B 1 10 ? -5.287  -16.025 -3.790  1.00 28.78 ? 210 DC  B P     1 
ATOM   391 O  OP1   . DC  B 1 10 ? -5.256  -17.140 -4.745  1.00 32.17 ? 210 DC  B OP1   1 
ATOM   392 O  OP2   . DC  B 1 10 ? -6.481  -15.865 -2.954  1.00 30.71 ? 210 DC  B OP2   1 
ATOM   393 O  "O5'" . DC  B 1 10 ? -3.978  -16.139 -2.844  1.00 27.24 ? 210 DC  B "O5'" 1 
ATOM   394 C  "C5'" . DC  B 1 10 ? -2.608  -16.360 -3.277  1.00 27.89 ? 210 DC  B "C5'" 1 
ATOM   395 C  "C4'" . DC  B 1 10 ? -1.736  -16.344 -2.016  1.00 28.71 ? 210 DC  B "C4'" 1 
ATOM   396 O  "O4'" . DC  B 1 10 ? -1.762  -14.983 -1.528  1.00 27.05 ? 210 DC  B "O4'" 1 
ATOM   397 C  "C3'" . DC  B 1 10 ? -2.320  -17.097 -0.847  1.00 27.38 ? 210 DC  B "C3'" 1 
ATOM   398 O  "O3'" . DC  B 1 10 ? -1.923  -18.462 -0.847  1.00 31.15 ? 210 DC  B "O3'" 1 
ATOM   399 C  "C2'" . DC  B 1 10 ? -1.668  -16.404 0.332   1.00 28.51 ? 210 DC  B "C2'" 1 
ATOM   400 C  "C1'" . DC  B 1 10 ? -1.647  -14.959 -0.118  1.00 27.23 ? 210 DC  B "C1'" 1 
ATOM   401 N  N1    . DC  B 1 10 ? -2.721  -14.060 0.494   1.00 25.45 ? 210 DC  B N1    1 
ATOM   402 C  C2    . DC  B 1 10 ? -2.426  -13.454 1.715   1.00 24.34 ? 210 DC  B C2    1 
ATOM   403 O  O2    . DC  B 1 10 ? -1.296  -13.700 2.207   1.00 25.53 ? 210 DC  B O2    1 
ATOM   404 N  N3    . DC  B 1 10 ? -3.343  -12.590 2.244   1.00 22.36 ? 210 DC  B N3    1 
ATOM   405 C  C4    . DC  B 1 10 ? -4.545  -12.409 1.651   1.00 21.38 ? 210 DC  B C4    1 
ATOM   406 N  N4    . DC  B 1 10 ? -5.416  -11.543 2.175   1.00 20.79 ? 210 DC  B N4    1 
ATOM   407 C  C5    . DC  B 1 10 ? -4.877  -13.052 0.419   1.00 21.84 ? 210 DC  B C5    1 
ATOM   408 C  C6    . DC  B 1 10 ? -3.943  -13.854 -0.102  1.00 25.51 ? 210 DC  B C6    1 
HETATM 409 SR SR    . SR  C 2 .  ? -0.355  -2.086  1.912   1.00 44.03 ? 1   SR  A SR    1 
HETATM 410 O  O     . HOH D 3 .  ? 4.424   -4.071  -5.065  1.00 30.88 ? 2   HOH A O     1 
HETATM 411 O  O     . HOH D 3 .  ? 7.133   7.329   -0.640  1.00 31.35 ? 4   HOH A O     1 
HETATM 412 O  O     . HOH D 3 .  ? 7.497   -10.363 -5.563  1.00 40.09 ? 12  HOH A O     1 
HETATM 413 O  O     . HOH D 3 .  ? 6.139   -3.882  -11.828 1.00 36.53 ? 14  HOH A O     1 
HETATM 414 O  O     . HOH D 3 .  ? 2.782   4.446   -4.703  1.00 33.47 ? 15  HOH A O     1 
HETATM 415 O  O     . HOH D 3 .  ? 10.064  -4.889  -6.588  1.00 41.30 ? 19  HOH A O     1 
HETATM 416 O  O     . HOH D 3 .  ? 0.143   -4.585  2.148   1.00 37.53 ? 20  HOH A O     1 
HETATM 417 O  O     . HOH D 3 .  ? 3.386   11.111  7.126   1.00 25.25 ? 22  HOH A O     1 
HETATM 418 O  O     . HOH D 3 .  ? -2.993  -1.689  -9.317  1.00 29.56 ? 24  HOH A O     1 
HETATM 419 O  O     . HOH D 3 .  ? 1.969   -12.889 2.167   1.00 32.19 ? 25  HOH A O     1 
HETATM 420 O  O     . HOH D 3 .  ? 10.041  -7.061  -8.192  0.60 29.45 ? 29  HOH A O     1 
HETATM 421 O  O     . HOH D 3 .  ? 10.023  -7.009  -10.713 0.60 23.69 ? 30  HOH A O     1 
HETATM 422 O  O     . HOH E 3 .  ? -8.299  -0.273  0.943   1.00 31.41 ? 3   HOH B O     1 
HETATM 423 O  O     . HOH E 3 .  ? 5.157   1.998   3.222   1.00 33.94 ? 5   HOH B O     1 
HETATM 424 O  O     . HOH E 3 .  ? 1.940   1.969   1.570   1.00 38.55 ? 6   HOH B O     1 
HETATM 425 O  O     . HOH E 3 .  ? -2.241  1.706   3.060   1.00 24.14 ? 7   HOH B O     1 
HETATM 426 O  O     . HOH E 3 .  ? -2.793  2.221   5.721   1.00 26.10 ? 8   HOH B O     1 
HETATM 427 O  O     . HOH E 3 .  ? -5.034  -2.545  2.245   1.00 25.16 ? 9   HOH B O     1 
HETATM 428 O  O     . HOH E 3 .  ? -6.387  -6.858  2.206   1.00 26.00 ? 10  HOH B O     1 
HETATM 429 O  O     . HOH E 3 .  ? -7.911  -10.917 0.934   1.00 30.31 ? 11  HOH B O     1 
HETATM 430 O  O     . HOH E 3 .  ? -6.151  1.613   4.214   1.00 37.92 ? 13  HOH B O     1 
HETATM 431 O  O     . HOH E 3 .  ? 5.386   3.666   0.132   1.00 43.56 ? 16  HOH B O     1 
HETATM 432 O  O     . HOH E 3 .  ? -6.429  -1.857  -0.048  1.00 27.29 ? 17  HOH B O     1 
HETATM 433 O  O     . HOH E 3 .  ? -7.726  -8.061  0.183   1.00 30.58 ? 18  HOH B O     1 
HETATM 434 O  O     . HOH E 3 .  ? -3.886  -14.406 4.733   1.00 31.87 ? 21  HOH B O     1 
HETATM 435 O  O     . HOH E 3 .  ? -0.256  11.302  5.126   1.00 34.97 ? 23  HOH B O     1 
HETATM 436 O  O     . HOH E 3 .  ? 1.238   9.310   6.494   1.00 30.85 ? 26  HOH B O     1 
HETATM 437 O  O     . HOH E 3 .  ? 9.892   -0.349  11.625  1.00 35.55 ? 27  HOH B O     1 
HETATM 438 O  O     . HOH E 3 .  ? -11.962 2.916   -5.811  1.00 37.74 ? 28  HOH B O     1 
# 
loop_
_atom_site_anisotrop.id 
_atom_site_anisotrop.type_symbol 
_atom_site_anisotrop.pdbx_label_atom_id 
_atom_site_anisotrop.pdbx_label_alt_id 
_atom_site_anisotrop.pdbx_label_comp_id 
_atom_site_anisotrop.pdbx_label_asym_id 
_atom_site_anisotrop.pdbx_label_seq_id 
_atom_site_anisotrop.pdbx_PDB_ins_code 
_atom_site_anisotrop.U[1][1] 
_atom_site_anisotrop.U[2][2] 
_atom_site_anisotrop.U[3][3] 
_atom_site_anisotrop.U[1][2] 
_atom_site_anisotrop.U[1][3] 
_atom_site_anisotrop.U[2][3] 
_atom_site_anisotrop.pdbx_auth_seq_id 
_atom_site_anisotrop.pdbx_auth_comp_id 
_atom_site_anisotrop.pdbx_auth_asym_id 
_atom_site_anisotrop.pdbx_auth_atom_id 
1   O  "O5'" . DG  A 1  ? 0.5973 0.4209 0.4789 0.0350  -0.0643 -0.0627 101 DG  A "O5'" 
2   C  "C5'" . DG  A 1  ? 0.5022 0.3498 0.4396 0.0682  -0.0393 -0.0689 101 DG  A "C5'" 
3   C  "C4'" . DG  A 1  ? 0.4239 0.3289 0.3864 0.0469  -0.0283 -0.0352 101 DG  A "C4'" 
4   O  "O4'" . DG  A 1  ? 0.4447 0.3140 0.4198 0.0548  -0.0368 -0.0512 101 DG  A "O4'" 
5   C  "C3'" . DG  A 1  ? 0.4461 0.3140 0.3596 0.0227  -0.0306 -0.0362 101 DG  A "C3'" 
6   O  "O3'" . DG  A 1  ? 0.4463 0.3770 0.3393 0.0118  -0.0307 -0.0632 101 DG  A "O3'" 
7   C  "C2'" . DG  A 1  ? 0.4362 0.2924 0.3098 0.0354  -0.0375 0.0046  101 DG  A "C2'" 
8   C  "C1'" . DG  A 1  ? 0.3824 0.2403 0.3524 0.0350  -0.0518 -0.0339 101 DG  A "C1'" 
9   N  N9    . DG  A 1  ? 0.4096 0.2933 0.3412 0.0112  -0.0709 -0.0197 101 DG  A N9    
10  C  C8    . DG  A 1  ? 0.4647 0.3358 0.3466 0.0714  -0.0565 -0.0262 101 DG  A C8    
11  N  N7    . DG  A 1  ? 0.4222 0.3086 0.4134 0.0733  -0.0613 -0.0145 101 DG  A N7    
12  C  C5    . DG  A 1  ? 0.3668 0.2721 0.3151 0.0497  -0.0475 0.0025  101 DG  A C5    
13  C  C6    . DG  A 1  ? 0.3458 0.2502 0.3345 0.0606  -0.0216 0.0115  101 DG  A C6    
14  O  O6    . DG  A 1  ? 0.3849 0.2255 0.3037 0.0720  -0.0626 -0.0390 101 DG  A O6    
15  N  N1    . DG  A 1  ? 0.3307 0.2694 0.3069 0.0669  -0.0115 0.0196  101 DG  A N1    
16  C  C2    . DG  A 1  ? 0.3503 0.2208 0.2838 -0.0053 -0.0297 0.0233  101 DG  A C2    
17  N  N2    . DG  A 1  ? 0.3612 0.3146 0.2172 0.0434  -0.0186 0.0553  101 DG  A N2    
18  N  N3    . DG  A 1  ? 0.3539 0.2502 0.2779 -0.0230 -0.0319 0.0390  101 DG  A N3    
19  C  C4    . DG  A 1  ? 0.3804 0.2854 0.2973 0.0137  -0.0383 0.0105  101 DG  A C4    
20  P  P     . DC  A 2  ? 0.4606 0.3113 0.4261 -0.0434 -0.0680 -0.0300 102 DC  A P     
21  O  OP1   . DC  A 2  ? 0.4493 0.3160 0.4805 -0.0853 -0.0741 -0.0270 102 DC  A OP1   
22  O  OP2   . DC  A 2  ? 0.5392 0.2095 0.4359 0.0138  -0.0263 -0.0857 102 DC  A OP2   
23  O  "O5'" . DC  A 2  ? 0.4704 0.3920 0.3523 -0.0201 -0.0557 0.0194  102 DC  A "O5'" 
24  C  "C5'" . DC  A 2  ? 0.4442 0.4237 0.2288 -0.0302 -0.0342 0.0332  102 DC  A "C5'" 
25  C  "C4'" . DC  A 2  ? 0.4319 0.3638 0.3401 -0.0206 -0.0360 0.0250  102 DC  A "C4'" 
26  O  "O4'" . DC  A 2  ? 0.4035 0.3493 0.2515 0.0391  -0.0867 0.0243  102 DC  A "O4'" 
27  C  "C3'" . DC  A 2  ? 0.4891 0.3962 0.3273 -0.0254 -0.0571 0.0180  102 DC  A "C3'" 
28  O  "O3'" . DC  A 2  ? 0.5028 0.4484 0.4104 -0.0231 -0.0736 0.0119  102 DC  A "O3'" 
29  C  "C2'" . DC  A 2  ? 0.4467 0.3816 0.3446 -0.0245 -0.0452 0.0313  102 DC  A "C2'" 
30  C  "C1'" . DC  A 2  ? 0.4086 0.3819 0.2779 0.0213  -0.0631 0.0226  102 DC  A "C1'" 
31  N  N1    . DC  A 2  ? 0.3970 0.2563 0.2374 0.0192  -0.0659 0.0351  102 DC  A N1    
32  C  C2    . DC  A 2  ? 0.3397 0.2901 0.2204 0.0304  -0.0412 -0.0070 102 DC  A C2    
33  O  O2    . DC  A 2  ? 0.3724 0.2647 0.2234 0.0912  -0.0234 0.0150  102 DC  A O2    
34  N  N3    . DC  A 2  ? 0.3586 0.2991 0.2152 0.0010  -0.0417 0.0132  102 DC  A N3    
35  C  C4    . DC  A 2  ? 0.3344 0.2997 0.2410 0.0365  -0.0583 0.0085  102 DC  A C4    
36  N  N4    . DC  A 2  ? 0.3468 0.3710 0.3480 0.0507  -0.0922 -0.0236 102 DC  A N4    
37  C  C5    . DC  A 2  ? 0.3813 0.2692 0.2502 -0.0214 -0.0746 0.0117  102 DC  A C5    
38  C  C6    . DC  A 2  ? 0.3821 0.2819 0.2035 -0.0079 -0.0445 0.0171  102 DC  A C6    
39  P  P     . DG  A 3  ? 0.5540 0.4629 0.4007 -0.0214 -0.0162 0.0257  103 DG  A P     
40  O  OP1   . DG  A 3  ? 0.4593 0.4686 0.3797 -0.0446 -0.1024 0.0284  103 DG  A OP1   
41  O  OP2   . DG  A 3  ? 0.6312 0.3807 0.3142 -0.0489 -0.0419 0.0474  103 DG  A OP2   
42  O  "O5'" . DG  A 3  ? 0.5565 0.4224 0.4215 0.0086  -0.0573 0.0581  103 DG  A "O5'" 
43  C  "C5'" . DG  A 3  ? 0.4603 0.3944 0.3644 0.0167  -0.0400 0.0549  103 DG  A "C5'" 
44  C  "C4'" . DG  A 3  ? 0.3445 0.3739 0.3236 0.0285  -0.0353 0.0899  103 DG  A "C4'" 
45  O  "O4'" . DG  A 3  ? 0.3125 0.3102 0.3495 0.0200  -0.0410 0.0363  103 DG  A "O4'" 
46  C  "C3'" . DG  A 3  ? 0.3190 0.3256 0.2735 0.0017  -0.0713 0.0307  103 DG  A "C3'" 
47  O  "O3'" . DG  A 3  ? 0.3377 0.2972 0.3402 0.0088  -0.0160 0.0739  103 DG  A "O3'" 
48  C  "C2'" . DG  A 3  ? 0.3035 0.3821 0.2799 0.0359  -0.0635 0.0322  103 DG  A "C2'" 
49  C  "C1'" . DG  A 3  ? 0.2929 0.3167 0.3280 0.0296  -0.0146 0.0368  103 DG  A "C1'" 
50  N  N9    . DG  A 3  ? 0.2862 0.2982 0.3162 0.0105  -0.0306 0.0426  103 DG  A N9    
51  C  C8    . DG  A 3  ? 0.3014 0.2879 0.2516 -0.0037 -0.0363 0.0415  103 DG  A C8    
52  N  N7    . DG  A 3  ? 0.2672 0.3273 0.2711 0.0059  -0.0726 0.0742  103 DG  A N7    
53  C  C5    . DG  A 3  ? 0.2917 0.2352 0.3011 -0.0361 -0.0236 0.0318  103 DG  A C5    
54  C  C6    . DG  A 3  ? 0.3192 0.2630 0.2914 -0.0121 -0.0439 0.0280  103 DG  A C6    
55  O  O6    . DG  A 3  ? 0.3645 0.2464 0.2961 0.0118  -0.0396 0.0406  103 DG  A O6    
56  N  N1    . DG  A 3  ? 0.3173 0.2298 0.2604 -0.0209 -0.0510 0.0473  103 DG  A N1    
57  C  C2    . DG  A 3  ? 0.2597 0.2081 0.2952 -0.0214 -0.0765 0.0064  103 DG  A C2    
58  N  N2    . DG  A 3  ? 0.3305 0.1904 0.2347 0.0120  -0.0312 -0.0236 103 DG  A N2    
59  N  N3    . DG  A 3  ? 0.3302 0.2598 0.3046 -0.0078 -0.0751 -0.0164 103 DG  A N3    
60  C  C4    . DG  A 3  ? 0.3066 0.2966 0.2953 -0.0349 -0.0336 0.0125  103 DG  A C4    
61  P  P     . DT  A 4  ? 0.3669 0.3276 0.3757 0.0153  0.0218  0.0385  104 DT  A P     
62  O  OP1   . DT  A 4  ? 0.4276 0.4148 0.3715 0.0207  0.0122  0.1339  104 DT  A OP1   
63  O  OP2   . DT  A 4  ? 0.4168 0.2852 0.3290 -0.0039 -0.0161 0.0320  104 DT  A OP2   
64  O  "O5'" . DT  A 4  ? 0.3581 0.2734 0.3417 0.0052  -0.0070 0.0113  104 DT  A "O5'" 
65  C  "C5'" . DT  A 4  ? 0.3558 0.2944 0.3551 0.0111  0.0049  -0.0066 104 DT  A "C5'" 
66  C  "C4'" . DT  A 4  ? 0.3361 0.2597 0.2994 0.0323  0.0377  -0.0120 104 DT  A "C4'" 
67  O  "O4'" . DT  A 4  ? 0.3523 0.2183 0.2737 0.0375  -0.0516 -0.0160 104 DT  A "O4'" 
68  C  "C3'" . DT  A 4  ? 0.3147 0.2616 0.2868 0.0701  0.0159  0.0132  104 DT  A "C3'" 
69  O  "O3'" . DT  A 4  ? 0.3471 0.3329 0.3527 0.0471  0.0259  0.0178  104 DT  A "O3'" 
70  C  "C2'" . DT  A 4  ? 0.3142 0.2596 0.3201 -0.0163 0.0228  -0.0320 104 DT  A "C2'" 
71  C  "C1'" . DT  A 4  ? 0.3640 0.1893 0.2727 0.0725  0.0203  -0.0304 104 DT  A "C1'" 
72  N  N1    . DT  A 4  ? 0.3494 0.2403 0.2537 0.0021  -0.0183 -0.0272 104 DT  A N1    
73  C  C2    . DT  A 4  ? 0.3512 0.1993 0.3074 0.0116  -0.0157 -0.0349 104 DT  A C2    
74  O  O2    . DT  A 4  ? 0.3126 0.2257 0.3121 0.0100  -0.0410 0.0016  104 DT  A O2    
75  N  N3    . DT  A 4  ? 0.3527 0.1988 0.2835 -0.0007 -0.0403 0.0015  104 DT  A N3    
76  C  C4    . DT  A 4  ? 0.3242 0.1717 0.2878 -0.0079 -0.0272 0.0123  104 DT  A C4    
77  O  O4    . DT  A 4  ? 0.3844 0.1623 0.2280 -0.0189 -0.0428 -0.0045 104 DT  A O4    
78  C  C5    . DT  A 4  ? 0.3025 0.2332 0.2635 0.0018  -0.0355 0.0184  104 DT  A C5    
79  C  C7    . DT  A 4  ? 0.3188 0.2880 0.2763 -0.0038 -0.0424 -0.0038 104 DT  A C7    
80  C  C6    . DT  A 4  ? 0.3186 0.2457 0.2494 -0.0315 -0.0202 0.0334  104 DT  A C6    
81  P  P     . DA  A 5  ? 0.3718 0.3925 0.3248 0.0362  0.0412  0.0162  105 DA  A P     
82  O  OP1   . DA  A 5  ? 0.4084 0.3683 0.3415 0.0277  0.0543  0.0334  105 DA  A OP1   
83  O  OP2   . DA  A 5  ? 0.4119 0.3397 0.4085 -0.0566 0.0102  0.0140  105 DA  A OP2   
84  O  "O5'" . DA  A 5  ? 0.4183 0.2690 0.3294 -0.0098 -0.0032 0.0443  105 DA  A "O5'" 
85  C  "C5'" . DA  A 5  ? 0.4498 0.2481 0.3883 -0.0270 -0.0042 0.0330  105 DA  A "C5'" 
86  C  "C4'" . DA  A 5  ? 0.4255 0.2126 0.3100 -0.0074 0.0458  0.0274  105 DA  A "C4'" 
87  O  "O4'" . DA  A 5  ? 0.4349 0.2722 0.3021 0.0158  0.0472  0.0154  105 DA  A "O4'" 
88  C  "C3'" . DA  A 5  ? 0.4310 0.2571 0.2880 -0.0006 0.0693  0.0072  105 DA  A "C3'" 
89  O  "O3'" . DA  A 5  ? 0.5583 0.2863 0.3946 -0.0093 0.0780  0.0478  105 DA  A "O3'" 
90  C  "C2'" . DA  A 5  ? 0.3968 0.2334 0.3130 -0.0156 0.0469  -0.0043 105 DA  A "C2'" 
91  C  "C1'" . DA  A 5  ? 0.4224 0.2195 0.2731 0.0274  0.0339  0.0130  105 DA  A "C1'" 
92  N  N9    . DA  A 5  ? 0.4228 0.2453 0.2927 0.0446  0.0300  0.0124  105 DA  A N9    
93  C  C8    . DA  A 5  ? 0.4329 0.2045 0.2428 0.0155  0.0323  0.0547  105 DA  A C8    
94  N  N7    . DA  A 5  ? 0.3400 0.2140 0.2499 0.0238  0.0618  0.0221  105 DA  A N7    
95  C  C5    . DA  A 5  ? 0.3746 0.2362 0.2612 -0.0031 0.0117  0.0312  105 DA  A C5    
96  C  C6    . DA  A 5  ? 0.3406 0.2138 0.2673 -0.0075 -0.0174 -0.0057 105 DA  A C6    
97  N  N6    . DA  A 5  ? 0.4202 0.1980 0.2604 -0.0865 -0.0225 -0.0456 105 DA  A N6    
98  N  N1    . DA  A 5  ? 0.4032 0.1682 0.2997 -0.0035 -0.0264 0.0013  105 DA  A N1    
99  C  C2    . DA  A 5  ? 0.3399 0.2445 0.2644 0.0029  0.0366  0.0557  105 DA  A C2    
100 N  N3    . DA  A 5  ? 0.3963 0.2591 0.2764 0.0283  0.0080  0.0390  105 DA  A N3    
101 C  C4    . DA  A 5  ? 0.3752 0.2625 0.2869 0.0260  0.0096  0.0169  105 DA  A C4    
102 P  P     . F4H A 6  ? 0.5236 0.3326 0.4556 -0.0544 0.0662  0.0181  106 F4H A P     
103 N  N1    . F4H A 6  ? 0.4249 0.2269 0.3424 -0.0032 -0.0639 -0.0217 106 F4H A N1    
104 C  C2    . F4H A 6  ? 0.4050 0.2667 0.3149 0.0090  -0.0471 0.0112  106 F4H A C2    
105 O  O2    . F4H A 6  ? 0.4202 0.2819 0.3320 0.0275  -0.0241 -0.0141 106 F4H A O2    
106 N  N3    . F4H A 6  ? 0.3917 0.2488 0.3061 -0.0024 -0.0770 0.0076  106 F4H A N3    
107 C  C4    . F4H A 6  ? 0.3667 0.1906 0.2773 -0.0213 -0.0216 0.0006  106 F4H A C4    
108 O  O4    . F4H A 6  ? 0.4617 0.2218 0.2674 0.0159  -0.0456 0.0278  106 F4H A O4    
109 C  C5    . F4H A 6  ? 0.3464 0.2175 0.2822 0.0061  -0.0187 -0.0425 106 F4H A C5    
110 C  C6    . F4H A 6  ? 0.4042 0.1974 0.3441 0.0081  -0.0213 -0.0115 106 F4H A C6    
111 C  "C1'" . F4H A 6  ? 0.4972 0.1764 0.3638 0.0141  0.0082  -0.0358 106 F4H A "C1'" 
112 C  "C2'" . F4H A 6  ? 0.5095 0.2486 0.2875 0.0260  -0.0697 -0.0163 106 F4H A "C2'" 
113 C  "C3'" . F4H A 6  ? 0.5308 0.3104 0.3298 -0.0093 -0.0088 -0.0352 106 F4H A "C3'" 
114 F  "F3'" . F4H A 6  ? 0.5636 0.2799 0.4021 -0.0109 -0.0197 -0.0296 106 F4H A "F3'" 
115 C  "C4'" . F4H A 6  ? 0.5462 0.2942 0.3462 0.0268  0.0092  -0.0190 106 F4H A "C4'" 
116 O  "O4'" . F4H A 6  ? 0.6012 0.3973 0.3816 0.0059  0.0366  0.0161  106 F4H A "O4'" 
117 C  "C5'" . F4H A 6  ? 0.5189 0.2811 0.2954 0.0199  0.0251  -0.0543 106 F4H A "C5'" 
118 O  "O5'" . F4H A 6  ? 0.4791 0.3015 0.3729 0.0258  0.0042  -0.0068 106 F4H A "O5'" 
119 C  C5M   . F4H A 6  ? 0.4181 0.1856 0.3386 0.0783  0.0100  0.0062  106 F4H A C5M   
120 C  "C6'" . F4H A 6  ? 0.5252 0.3137 0.3549 -0.0089 0.0154  -0.0393 106 F4H A "C6'" 
121 O  "O6'" . F4H A 6  ? 0.5894 0.2590 0.4476 0.0262  0.0347  -0.0463 106 F4H A "O6'" 
122 O  O1P   . F4H A 6  ? 0.5396 0.2856 0.4852 -0.0036 0.0932  -0.0290 106 F4H A O1P   
123 O  O2P   . F4H A 6  ? 0.5131 0.3704 0.5106 -0.0974 -0.0087 -0.0559 106 F4H A O2P   
124 P  P     . DA  A 7  ? 0.5072 0.3497 0.3457 0.0119  0.0625  0.0351  107 DA  A P     
125 O  OP1   . DA  A 7  ? 0.5621 0.3541 0.3679 -0.0222 0.1018  0.0214  107 DA  A OP1   
126 O  OP2   . DA  A 7  ? 0.4821 0.5118 0.3959 0.0711  -0.0545 -0.0068 107 DA  A OP2   
127 O  "O5'" . DA  A 7  ? 0.5477 0.3965 0.3531 0.0835  0.0503  0.0027  107 DA  A "O5'" 
128 C  "C5'" . DA  A 7  ? 0.5496 0.3548 0.3516 0.0271  0.0251  0.0262  107 DA  A "C5'" 
129 C  "C4'" . DA  A 7  ? 0.5375 0.2809 0.3685 0.0232  0.0046  0.0107  107 DA  A "C4'" 
130 O  "O4'" . DA  A 7  ? 0.5275 0.2464 0.3508 0.0457  -0.0229 0.0000  107 DA  A "O4'" 
131 C  "C3'" . DA  A 7  ? 0.5375 0.2612 0.4087 0.0009  -0.0013 0.0397  107 DA  A "C3'" 
132 O  "O3'" . DA  A 7  ? 0.5723 0.3583 0.4343 0.0165  -0.0019 0.0582  107 DA  A "O3'" 
133 C  "C2'" . DA  A 7  ? 0.4799 0.2477 0.3851 0.0138  -0.0170 0.0343  107 DA  A "C2'" 
134 C  "C1'" . DA  A 7  ? 0.4677 0.2531 0.3548 0.0385  -0.0460 0.0175  107 DA  A "C1'" 
135 N  N9    . DA  A 7  ? 0.4676 0.2577 0.2822 0.0269  -0.0274 0.0380  107 DA  A N9    
136 C  C8    . DA  A 7  ? 0.4251 0.2708 0.2243 0.0414  -0.0278 0.0363  107 DA  A C8    
137 N  N7    . DA  A 7  ? 0.3799 0.2453 0.2620 0.0374  -0.0518 0.0072  107 DA  A N7    
138 C  C5    . DA  A 7  ? 0.3676 0.2557 0.2489 0.0004  -0.0251 0.0140  107 DA  A C5    
139 C  C6    . DA  A 7  ? 0.3288 0.2245 0.2622 -0.0164 -0.0439 0.0254  107 DA  A C6    
140 N  N6    . DA  A 7  ? 0.3053 0.2561 0.3144 -0.0314 -0.0564 0.0858  107 DA  A N6    
141 N  N1    . DA  A 7  ? 0.3176 0.2500 0.3294 0.0043  -0.0098 0.0431  107 DA  A N1    
142 C  C2    . DA  A 7  ? 0.3660 0.3028 0.2774 0.0072  -0.0577 0.0475  107 DA  A C2    
143 N  N3    . DA  A 7  ? 0.3792 0.2341 0.2833 0.0337  -0.0259 0.0432  107 DA  A N3    
144 C  C4    . DA  A 7  ? 0.3929 0.2880 0.2518 0.0354  -0.0465 0.0145  107 DA  A C4    
145 P  P     . DC  A 8  ? 0.6157 0.3168 0.4890 -0.0270 -0.0055 0.0378  108 DC  A P     
146 O  OP1   . DC  A 8  ? 0.7019 0.3944 0.5655 -0.0727 0.0089  0.0602  108 DC  A OP1   
147 O  OP2   . DC  A 8  ? 0.5768 0.4295 0.4282 -0.0092 0.0027  -0.0093 108 DC  A OP2   
148 O  "O5'" . DC  A 8  ? 0.5600 0.3393 0.3964 -0.0052 -0.0444 0.1020  108 DC  A "O5'" 
149 C  "C5'" . DC  A 8  ? 0.5492 0.2688 0.4026 -0.0112 -0.0367 0.0579  108 DC  A "C5'" 
150 C  "C4'" . DC  A 8  ? 0.4904 0.2881 0.3941 -0.0215 -0.0610 0.0471  108 DC  A "C4'" 
151 O  "O4'" . DC  A 8  ? 0.4878 0.2833 0.3274 -0.0642 -0.0903 0.0313  108 DC  A "O4'" 
152 C  "C3'" . DC  A 8  ? 0.5314 0.2849 0.3442 -0.0446 -0.0426 0.0352  108 DC  A "C3'" 
153 O  "O3'" . DC  A 8  ? 0.5216 0.2956 0.4371 -0.0342 -0.0303 0.0666  108 DC  A "O3'" 
154 C  "C2'" . DC  A 8  ? 0.4589 0.2845 0.3427 -0.0705 -0.0634 0.0064  108 DC  A "C2'" 
155 C  "C1'" . DC  A 8  ? 0.4415 0.3024 0.3500 -0.0002 -0.0793 -0.0004 108 DC  A "C1'" 
156 N  N1    . DC  A 8  ? 0.3802 0.2918 0.3201 0.0037  -0.0776 0.0028  108 DC  A N1    
157 C  C2    . DC  A 8  ? 0.3355 0.3389 0.3250 0.0029  -0.0368 0.0180  108 DC  A C2    
158 O  O2    . DC  A 8  ? 0.3132 0.2650 0.3224 0.0073  -0.0563 0.0065  108 DC  A O2    
159 N  N3    . DC  A 8  ? 0.3537 0.2947 0.3191 0.0144  -0.0782 0.0166  108 DC  A N3    
160 C  C4    . DC  A 8  ? 0.3398 0.3044 0.3317 0.0287  -0.0613 0.0082  108 DC  A C4    
161 N  N4    . DC  A 8  ? 0.3443 0.2109 0.3708 -0.0170 -0.0623 -0.0361 108 DC  A N4    
162 C  C5    . DC  A 8  ? 0.3921 0.3635 0.3203 0.0267  -0.0608 0.0137  108 DC  A C5    
163 C  C6    . DC  A 8  ? 0.3638 0.3227 0.3594 0.0011  -0.0478 -0.0039 108 DC  A C6    
164 P  P     . DG  A 9  ? 0.4821 0.2953 0.4305 -0.0351 0.0020  0.0190  109 DG  A P     
165 O  OP1   . DG  A 9  ? 0.5508 0.2606 0.3366 -0.0622 -0.0328 0.0281  109 DG  A OP1   
166 O  OP2   . DG  A 9  ? 0.4600 0.3930 0.4089 -0.0659 0.0322  0.0022  109 DG  A OP2   
167 O  "O5'" . DG  A 9  ? 0.4004 0.3130 0.3988 0.0044  -0.0317 0.0472  109 DG  A "O5'" 
168 C  "C5'" . DG  A 9  ? 0.4061 0.2930 0.3983 -0.0171 -0.0259 0.0337  109 DG  A "C5'" 
169 C  "C4'" . DG  A 9  ? 0.3590 0.2819 0.3221 -0.0575 -0.0400 0.0186  109 DG  A "C4'" 
170 O  "O4'" . DG  A 9  ? 0.3324 0.2932 0.3274 -0.0720 -0.1036 0.0450  109 DG  A "O4'" 
171 C  "C3'" . DG  A 9  ? 0.3612 0.2855 0.3193 -0.0043 -0.0609 0.0730  109 DG  A "C3'" 
172 O  "O3'" . DG  A 9  ? 0.4013 0.3123 0.3980 0.0201  -0.0600 0.0315  109 DG  A "O3'" 
173 C  "C2'" . DG  A 9  ? 0.3673 0.3122 0.3794 -0.0324 -0.0691 0.0202  109 DG  A "C2'" 
174 C  "C1'" . DG  A 9  ? 0.2870 0.3277 0.3220 -0.0239 -0.0761 0.0123  109 DG  A "C1'" 
175 N  N9    . DG  A 9  ? 0.3481 0.2592 0.3514 -0.0242 -0.0865 -0.0089 109 DG  A N9    
176 C  C8    . DG  A 9  ? 0.3127 0.2716 0.3169 -0.0246 -0.0557 -0.0160 109 DG  A C8    
177 N  N7    . DG  A 9  ? 0.3541 0.2433 0.2950 -0.0135 -0.0538 0.0249  109 DG  A N7    
178 C  C5    . DG  A 9  ? 0.2909 0.3069 0.2948 -0.0156 -0.0885 -0.0185 109 DG  A C5    
179 C  C6    . DG  A 9  ? 0.3079 0.2462 0.3171 -0.0256 -0.0255 -0.0163 109 DG  A C6    
180 O  O6    . DG  A 9  ? 0.3621 0.2510 0.3703 -0.0553 -0.0389 -0.0224 109 DG  A O6    
181 N  N1    . DG  A 9  ? 0.2764 0.2475 0.3189 -0.0281 -0.0543 0.0246  109 DG  A N1    
182 C  C2    . DG  A 9  ? 0.3674 0.2722 0.2961 -0.0051 -0.0482 0.0224  109 DG  A C2    
183 N  N2    . DG  A 9  ? 0.3792 0.1693 0.2995 -0.0132 -0.0674 0.0448  109 DG  A N2    
184 N  N3    . DG  A 9  ? 0.3565 0.2277 0.3134 -0.0318 -0.0578 0.0054  109 DG  A N3    
185 C  C4    . DG  A 9  ? 0.3312 0.2484 0.3478 -0.0147 -0.0583 -0.0067 109 DG  A C4    
186 P  P     . DC  A 10 ? 0.4310 0.3095 0.3937 0.0090  -0.0911 0.0112  110 DC  A P     
187 O  OP1   . DC  A 10 ? 0.4567 0.2355 0.4723 0.0552  -0.0985 0.0225  110 DC  A OP1   
188 O  OP2   . DC  A 10 ? 0.4120 0.2906 0.4616 0.0269  -0.1159 0.0262  110 DC  A OP2   
189 O  "O5'" . DC  A 10 ? 0.4102 0.3171 0.4107 0.0294  -0.0373 0.0375  110 DC  A "O5'" 
190 C  "C5'" . DC  A 10 ? 0.3522 0.2580 0.3540 0.0637  -0.0717 -0.0153 110 DC  A "C5'" 
191 C  "C4'" . DC  A 10 ? 0.3909 0.1981 0.3520 -0.0017 -0.0877 0.0020  110 DC  A "C4'" 
192 O  "O4'" . DC  A 10 ? 0.3763 0.2164 0.3268 -0.0157 -0.0248 0.0467  110 DC  A "O4'" 
193 C  "C3'" . DC  A 10 ? 0.3701 0.1911 0.3701 0.0318  -0.0270 -0.0160 110 DC  A "C3'" 
194 O  "O3'" . DC  A 10 ? 0.3731 0.2365 0.2933 0.0222  -0.0661 -0.0266 110 DC  A "O3'" 
195 C  "C2'" . DC  A 10 ? 0.3204 0.1967 0.3361 -0.0397 -0.0336 0.0488  110 DC  A "C2'" 
196 C  "C1'" . DC  A 10 ? 0.2966 0.2178 0.3343 -0.0318 -0.0280 0.0039  110 DC  A "C1'" 
197 N  N1    . DC  A 10 ? 0.3257 0.1837 0.2878 0.0107  -0.0846 0.0096  110 DC  A N1    
198 C  C2    . DC  A 10 ? 0.3206 0.2452 0.3140 0.0206  -0.0525 -0.0080 110 DC  A C2    
199 O  O2    . DC  A 10 ? 0.3600 0.2113 0.3115 -0.0201 -0.0744 -0.0017 110 DC  A O2    
200 N  N3    . DC  A 10 ? 0.2859 0.2752 0.3009 0.0229  -0.0427 -0.0301 110 DC  A N3    
201 C  C4    . DC  A 10 ? 0.2926 0.2910 0.2725 0.0264  -0.0312 0.0128  110 DC  A C4    
202 N  N4    . DC  A 10 ? 0.3081 0.3329 0.2493 -0.0672 -0.0713 -0.0538 110 DC  A N4    
203 C  C5    . DC  A 10 ? 0.3540 0.3126 0.2667 0.0378  -0.0522 0.0083  110 DC  A C5    
204 C  C6    . DC  A 10 ? 0.3355 0.1798 0.2617 -0.0075 -0.0776 0.0144  110 DC  A C6    
205 O  "O5'" . DG  B 1  ? 0.7258 0.4691 0.5641 0.0402  -0.1023 -0.0091 201 DG  B "O5'" 
206 C  "C5'" . DG  B 1  ? 0.6824 0.4418 0.5500 0.0528  -0.0518 -0.0061 201 DG  B "C5'" 
207 C  "C4'" . DG  B 1  ? 0.6041 0.3503 0.5259 0.0577  -0.0148 0.0342  201 DG  B "C4'" 
208 O  "O4'" . DG  B 1  ? 0.5919 0.3530 0.5922 0.0696  -0.0193 -0.0279 201 DG  B "O4'" 
209 C  "C3'" . DG  B 1  ? 0.5560 0.2705 0.4872 0.0992  -0.0157 0.0193  201 DG  B "C3'" 
210 O  "O3'" . DG  B 1  ? 0.5062 0.2619 0.4687 0.0942  -0.0135 -0.0372 201 DG  B "O3'" 
211 C  "C2'" . DG  B 1  ? 0.5505 0.2925 0.5435 0.0718  -0.0335 0.0268  201 DG  B "C2'" 
212 C  "C1'" . DG  B 1  ? 0.5146 0.3114 0.5344 0.0542  -0.0157 0.0047  201 DG  B "C1'" 
213 N  N9    . DG  B 1  ? 0.5037 0.3126 0.4893 0.0964  -0.0207 0.0015  201 DG  B N9    
214 C  C8    . DG  B 1  ? 0.5199 0.2684 0.5161 0.1061  -0.0279 -0.0092 201 DG  B C8    
215 N  N7    . DG  B 1  ? 0.4871 0.3604 0.4229 0.1141  0.0173  -0.0149 201 DG  B N7    
216 C  C5    . DG  B 1  ? 0.4175 0.3043 0.4171 0.0500  -0.0231 -0.0093 201 DG  B C5    
217 C  C6    . DG  B 1  ? 0.3804 0.2865 0.3277 0.0424  0.0114  -0.0243 201 DG  B C6    
218 O  O6    . DG  B 1  ? 0.4217 0.3677 0.2675 0.0154  -0.0148 -0.0387 201 DG  B O6    
219 N  N1    . DG  B 1  ? 0.3113 0.2494 0.3374 0.0002  0.0051  -0.0394 201 DG  B N1    
220 C  C2    . DG  B 1  ? 0.3296 0.2775 0.3795 0.0309  0.0073  -0.0195 201 DG  B C2    
221 N  N2    . DG  B 1  ? 0.3610 0.2242 0.2927 0.0009  -0.0460 -0.0841 201 DG  B N2    
222 N  N3    . DG  B 1  ? 0.4213 0.3154 0.3566 0.0887  -0.0382 0.0378  201 DG  B N3    
223 C  C4    . DG  B 1  ? 0.4289 0.3040 0.4209 0.0674  -0.0072 -0.0122 201 DG  B C4    
224 P  P     . DC  B 2  ? 0.5988 0.3068 0.4142 0.0386  -0.0506 0.0002  202 DC  B P     
225 O  OP1   . DC  B 2  ? 0.6125 0.3228 0.4289 0.0607  -0.0319 0.0030  202 DC  B OP1   
226 O  OP2   . DC  B 2  ? 0.5313 0.2994 0.4526 0.0390  -0.0598 -0.0192 202 DC  B OP2   
227 O  "O5'" . DC  B 2  ? 0.6018 0.3731 0.3827 0.0882  -0.0498 0.0138  202 DC  B "O5'" 
228 C  "C5'" . DC  B 2  ? 0.5441 0.3084 0.3468 0.0722  -0.0338 -0.0296 202 DC  B "C5'" 
229 C  "C4'" . DC  B 2  ? 0.4990 0.2657 0.4140 0.0961  -0.0515 -0.0127 202 DC  B "C4'" 
230 O  "O4'" . DC  B 2  ? 0.4757 0.2262 0.3855 0.0840  -0.0821 -0.0168 202 DC  B "O4'" 
231 C  "C3'" . DC  B 2  ? 0.4915 0.2162 0.4134 0.0797  0.0034  -0.0324 202 DC  B "C3'" 
232 O  "O3'" . DC  B 2  ? 0.5336 0.2945 0.3352 0.0502  -0.0025 0.0101  202 DC  B "O3'" 
233 C  "C2'" . DC  B 2  ? 0.4708 0.2211 0.3392 0.0695  -0.0218 -0.0497 202 DC  B "C2'" 
234 C  "C1'" . DC  B 2  ? 0.4047 0.2557 0.3260 0.0597  -0.0482 -0.0230 202 DC  B "C1'" 
235 N  N1    . DC  B 2  ? 0.3426 0.2909 0.3274 0.0369  -0.0863 -0.0184 202 DC  B N1    
236 C  C2    . DC  B 2  ? 0.3176 0.2233 0.3111 0.0291  -0.0411 -0.0147 202 DC  B C2    
237 O  O2    . DC  B 2  ? 0.3201 0.2594 0.2596 0.0301  -0.0736 -0.0069 202 DC  B O2    
238 N  N3    . DC  B 2  ? 0.2724 0.2620 0.3196 0.0397  -0.0709 -0.0030 202 DC  B N3    
239 C  C4    . DC  B 2  ? 0.3803 0.2596 0.3113 0.0159  -0.0452 0.0084  202 DC  B C4    
240 N  N4    . DC  B 2  ? 0.4061 0.2924 0.3143 -0.0029 -0.0723 0.0175  202 DC  B N4    
241 C  C5    . DC  B 2  ? 0.4352 0.2514 0.3093 0.0456  -0.0656 0.0552  202 DC  B C5    
242 C  C6    . DC  B 2  ? 0.3334 0.2753 0.2497 0.0376  -0.0501 -0.0657 202 DC  B C6    
243 P  P     . DG  B 3  ? 0.5750 0.4107 0.4860 -0.0064 0.0425  0.0784  203 DG  B P     
244 O  OP1   . DG  B 3  ? 0.5977 0.4236 0.4591 -0.0008 -0.0162 0.0763  203 DG  B OP1   
245 O  OP2   . DG  B 3  ? 0.5750 0.4199 0.5635 0.0204  0.0106  -0.0120 203 DG  B OP2   
246 O  "O5'" . DG  B 3  ? 0.5220 0.3859 0.4919 -0.0013 0.0170  0.0050  203 DG  B "O5'" 
247 C  "C5'" . DG  B 3  ? 0.4581 0.3779 0.4489 -0.0189 -0.0090 0.0193  203 DG  B "C5'" 
248 C  "C4'" . DG  B 3  ? 0.4053 0.3797 0.3311 -0.0374 -0.0717 0.0176  203 DG  B "C4'" 
249 O  "O4'" . DG  B 3  ? 0.4276 0.3428 0.3339 -0.0307 -0.0788 0.0238  203 DG  B "O4'" 
250 C  "C3'" . DG  B 3  ? 0.3741 0.3017 0.3046 -0.0144 -0.0683 0.0720  203 DG  B "C3'" 
251 O  "O3'" . DG  B 3  ? 0.4125 0.3450 0.2746 0.0077  -0.0477 0.0197  203 DG  B "O3'" 
252 C  "C2'" . DG  B 3  ? 0.3561 0.2700 0.2750 -0.0277 -0.0659 0.0085  203 DG  B "C2'" 
253 C  "C1'" . DG  B 3  ? 0.3880 0.2670 0.3379 -0.0593 -0.0560 0.0065  203 DG  B "C1'" 
254 N  N9    . DG  B 3  ? 0.3208 0.2481 0.3025 -0.0109 -0.0322 0.0149  203 DG  B N9    
255 C  C8    . DG  B 3  ? 0.2981 0.2336 0.2772 -0.0100 -0.0820 0.0147  203 DG  B C8    
256 N  N7    . DG  B 3  ? 0.3643 0.2001 0.2698 -0.0084 -0.0771 0.0192  203 DG  B N7    
257 C  C5    . DG  B 3  ? 0.3531 0.2689 0.3002 0.0065  -0.0756 0.0021  203 DG  B C5    
258 C  C6    . DG  B 3  ? 0.3334 0.2388 0.2644 0.0120  -0.0539 0.0437  203 DG  B C6    
259 O  O6    . DG  B 3  ? 0.3020 0.2790 0.3488 0.0084  -0.0545 -0.0011 203 DG  B O6    
260 N  N1    . DG  B 3  ? 0.2554 0.2769 0.3087 0.0037  -0.0440 -0.0113 203 DG  B N1    
261 C  C2    . DG  B 3  ? 0.2939 0.2736 0.2626 0.0186  -0.0462 0.0118  203 DG  B C2    
262 N  N2    . DG  B 3  ? 0.2607 0.2455 0.3561 -0.0104 -0.1110 0.0103  203 DG  B N2    
263 N  N3    . DG  B 3  ? 0.2722 0.2405 0.2770 0.0101  -0.1107 -0.0086 203 DG  B N3    
264 C  C4    . DG  B 3  ? 0.3304 0.2491 0.2867 0.0150  -0.0732 0.0162  203 DG  B C4    
265 P  P     . DT  B 4  ? 0.3469 0.3837 0.3492 -0.0089 -0.0229 -0.0074 204 DT  B P     
266 O  OP1   . DT  B 4  ? 0.3873 0.4110 0.3357 -0.0210 -0.0103 -0.0083 204 DT  B OP1   
267 O  OP2   . DT  B 4  ? 0.4165 0.2588 0.2896 0.0290  -0.0740 0.0558  204 DT  B OP2   
268 O  "O5'" . DT  B 4  ? 0.4078 0.3891 0.3189 -0.0168 -0.0595 -0.0432 204 DT  B "O5'" 
269 C  "C5'" . DT  B 4  ? 0.4176 0.3400 0.2553 0.0455  -0.0818 0.0009  204 DT  B "C5'" 
270 C  "C4'" . DT  B 4  ? 0.3391 0.3013 0.2517 0.0303  -0.0470 0.0073  204 DT  B "C4'" 
271 O  "O4'" . DT  B 4  ? 0.3682 0.3209 0.2821 0.0068  -0.0542 0.0008  204 DT  B "O4'" 
272 C  "C3'" . DT  B 4  ? 0.3423 0.2740 0.1831 0.0313  -0.0314 -0.0029 204 DT  B "C3'" 
273 O  "O3'" . DT  B 4  ? 0.3661 0.3138 0.2610 0.0155  -0.0391 -0.0169 204 DT  B "O3'" 
274 C  "C2'" . DT  B 4  ? 0.3727 0.2673 0.2645 0.0212  -0.0264 0.0086  204 DT  B "C2'" 
275 C  "C1'" . DT  B 4  ? 0.3306 0.3272 0.2789 0.0026  -0.0484 -0.0155 204 DT  B "C1'" 
276 N  N1    . DT  B 4  ? 0.2800 0.2595 0.2866 -0.0224 -0.0651 -0.0013 204 DT  B N1    
277 C  C2    . DT  B 4  ? 0.3237 0.3012 0.2881 0.0039  -0.0471 0.0087  204 DT  B C2    
278 O  O2    . DT  B 4  ? 0.3552 0.3182 0.2424 -0.0117 -0.0824 -0.0223 204 DT  B O2    
279 N  N3    . DT  B 4  ? 0.2980 0.2776 0.3321 0.0105  -0.0475 -0.0027 204 DT  B N3    
280 C  C4    . DT  B 4  ? 0.3171 0.3085 0.3027 0.0009  -0.0588 -0.0088 204 DT  B C4    
281 O  O4    . DT  B 4  ? 0.3015 0.2105 0.3358 -0.0063 -0.0723 -0.0108 204 DT  B O4    
282 C  C5    . DT  B 4  ? 0.2973 0.3058 0.2834 -0.0019 -0.0645 0.0395  204 DT  B C5    
283 C  C7    . DT  B 4  ? 0.3316 0.1782 0.3596 0.0028  -0.0339 0.0291  204 DT  B C7    
284 C  C6    . DT  B 4  ? 0.2564 0.3045 0.2743 -0.0062 -0.0600 0.0324  204 DT  B C6    
285 P  P     . DA  B 5  ? 0.3511 0.3308 0.3132 0.0480  0.0067  -0.0033 205 DA  B P     
286 O  OP1   . DA  B 5  ? 0.3484 0.3232 0.2783 -0.0028 0.0052  0.0197  205 DA  B OP1   
287 O  OP2   . DA  B 5  ? 0.3884 0.3051 0.3197 -0.0094 -0.0513 0.0360  205 DA  B OP2   
288 O  "O5'" . DA  B 5  ? 0.3090 0.3102 0.3477 0.0205  -0.0291 0.0027  205 DA  B "O5'" 
289 C  "C5'" . DA  B 5  ? 0.3276 0.3323 0.3699 0.0292  -0.0785 -0.0084 205 DA  B "C5'" 
290 C  "C4'" . DA  B 5  ? 0.3254 0.3031 0.3234 0.0009  -0.0607 -0.0297 205 DA  B "C4'" 
291 O  "O4'" . DA  B 5  ? 0.3140 0.2991 0.3194 0.0605  -0.0581 -0.0092 205 DA  B "O4'" 
292 C  "C3'" . DA  B 5  ? 0.3354 0.2868 0.2710 0.0514  -0.0561 0.0002  205 DA  B "C3'" 
293 O  "O3'" . DA  B 5  ? 0.4123 0.2548 0.3754 0.0157  -0.0731 -0.0070 205 DA  B "O3'" 
294 C  "C2'" . DA  B 5  ? 0.3265 0.3559 0.2968 0.0089  -0.0278 -0.0217 205 DA  B "C2'" 
295 C  "C1'" . DA  B 5  ? 0.3282 0.2394 0.3410 0.0186  -0.0347 -0.0212 205 DA  B "C1'" 
296 N  N9    . DA  B 5  ? 0.3215 0.2607 0.2952 0.0209  -0.0207 -0.0138 205 DA  B N9    
297 C  C8    . DA  B 5  ? 0.2601 0.2167 0.3132 0.0178  -0.0388 -0.0492 205 DA  B C8    
298 N  N7    . DA  B 5  ? 0.2865 0.1990 0.2693 0.0271  -0.0175 -0.0533 205 DA  B N7    
299 C  C5    . DA  B 5  ? 0.2941 0.2164 0.2794 0.0006  -0.0077 -0.0151 205 DA  B C5    
300 C  C6    . DA  B 5  ? 0.2697 0.2015 0.2632 -0.0146 -0.0320 -0.0403 205 DA  B C6    
301 N  N6    . DA  B 5  ? 0.2649 0.2074 0.2814 0.0187  -0.0149 -0.0787 205 DA  B N6    
302 N  N1    . DA  B 5  ? 0.3145 0.2448 0.3001 -0.0055 -0.0724 -0.0218 205 DA  B N1    
303 C  C2    . DA  B 5  ? 0.3222 0.2656 0.2349 0.0315  -0.0130 -0.0285 205 DA  B C2    
304 N  N3    . DA  B 5  ? 0.3514 0.2210 0.2559 0.0349  -0.0197 -0.0100 205 DA  B N3    
305 C  C4    . DA  B 5  ? 0.3443 0.2194 0.2770 0.0249  -0.0173 -0.0333 205 DA  B C4    
306 P  P     . F4H B 6  ? 0.4143 0.3170 0.4579 -0.0139 -0.0015 -0.0433 206 F4H B P     
307 N  N1    . F4H B 6  ? 0.3855 0.2210 0.2738 0.0269  -0.0460 -0.0472 206 F4H B N1    
308 C  C2    . F4H B 6  ? 0.3905 0.2440 0.2818 0.0078  -0.0406 -0.0120 206 F4H B C2    
309 O  O2    . F4H B 6  ? 0.4548 0.2873 0.2845 0.0141  -0.0892 -0.0324 206 F4H B O2    
310 N  N3    . F4H B 6  ? 0.4035 0.1850 0.2843 0.0131  -0.0372 -0.0457 206 F4H B N3    
311 C  C4    . F4H B 6  ? 0.3270 0.2149 0.2717 -0.0166 -0.0231 -0.0282 206 F4H B C4    
312 O  O4    . F4H B 6  ? 0.3102 0.2949 0.3386 -0.0087 -0.0395 -0.0327 206 F4H B O4    
313 C  C5    . F4H B 6  ? 0.3456 0.2060 0.2605 0.0041  -0.0257 -0.0004 206 F4H B C5    
314 C  C6    . F4H B 6  ? 0.3433 0.2773 0.3129 -0.0170 -0.0485 0.0344  206 F4H B C6    
315 C  "C1'" . F4H B 6  ? 0.3767 0.2729 0.4433 0.0282  -0.0544 -0.0321 206 F4H B "C1'" 
316 C  "C2'" . F4H B 6  ? 0.3768 0.2766 0.3793 0.0447  -0.0902 -0.0243 206 F4H B "C2'" 
317 C  "C3'" . F4H B 6  ? 0.4110 0.3157 0.4219 0.0494  -0.0637 -0.0231 206 F4H B "C3'" 
318 F  "F3'" . F4H B 6  ? 0.4160 0.3357 0.3652 0.0592  -0.0833 -0.0331 206 F4H B "F3'" 
319 C  "C4'" . F4H B 6  ? 0.3768 0.2821 0.4027 0.0661  -0.0782 -0.0204 206 F4H B "C4'" 
320 O  "O4'" . F4H B 6  ? 0.4171 0.2338 0.4876 0.0607  -0.1077 0.0037  206 F4H B "O4'" 
321 C  "C5'" . F4H B 6  ? 0.3398 0.2643 0.4449 0.0580  -0.0569 -0.0344 206 F4H B "C5'" 
322 O  "O5'" . F4H B 6  ? 0.3856 0.2689 0.4533 0.0396  -0.0697 -0.0640 206 F4H B "O5'" 
323 C  C5M   . F4H B 6  ? 0.3498 0.2504 0.2667 -0.0586 -0.0177 0.0301  206 F4H B C5M   
324 C  "C6'" . F4H B 6  ? 0.4019 0.2984 0.4357 0.0615  -0.0639 -0.0448 206 F4H B "C6'" 
325 O  "O6'" . F4H B 6  ? 0.3924 0.3176 0.4333 0.0242  -0.0636 -0.0743 206 F4H B "O6'" 
326 O  O1P   . F4H B 6  ? 0.4042 0.3347 0.5442 -0.0260 -0.0122 -0.0572 206 F4H B O1P   
327 O  O2P   . F4H B 6  ? 0.5065 0.2952 0.3983 -0.0650 -0.0385 -0.0172 206 F4H B O2P   
328 P  P     . DA  B 7  ? 0.4054 0.3779 0.4525 -0.0024 -0.0399 -0.0413 207 DA  B P     
329 O  OP1   . DA  B 7  ? 0.4047 0.3848 0.4689 0.0719  0.0084  -0.0571 207 DA  B OP1   
330 O  OP2   . DA  B 7  ? 0.5456 0.3223 0.4721 0.0283  -0.0073 -0.0466 207 DA  B OP2   
331 O  "O5'" . DA  B 7  ? 0.4722 0.4280 0.3837 0.0253  -0.0857 -0.0343 207 DA  B "O5'" 
332 C  "C5'" . DA  B 7  ? 0.3685 0.4059 0.4302 0.0701  -0.1276 -0.0523 207 DA  B "C5'" 
333 C  "C4'" . DA  B 7  ? 0.3650 0.3581 0.4632 0.0635  -0.0830 -0.0367 207 DA  B "C4'" 
334 O  "O4'" . DA  B 7  ? 0.3469 0.3149 0.4424 0.0739  -0.0580 -0.0438 207 DA  B "O4'" 
335 C  "C3'" . DA  B 7  ? 0.3833 0.3623 0.4849 0.0623  -0.0627 -0.0156 207 DA  B "C3'" 
336 O  "O3'" . DA  B 7  ? 0.3684 0.3880 0.5812 0.0718  -0.0892 -0.0332 207 DA  B "O3'" 
337 C  "C2'" . DA  B 7  ? 0.3676 0.3304 0.4131 0.0298  -0.0648 -0.0106 207 DA  B "C2'" 
338 C  "C1'" . DA  B 7  ? 0.3277 0.2521 0.3702 0.0692  -0.1152 -0.0275 207 DA  B "C1'" 
339 N  N9    . DA  B 7  ? 0.3441 0.3093 0.3292 0.0559  -0.0837 -0.0516 207 DA  B N9    
340 C  C8    . DA  B 7  ? 0.3414 0.3171 0.3244 0.0582  -0.1024 -0.0235 207 DA  B C8    
341 N  N7    . DA  B 7  ? 0.2822 0.2431 0.3061 0.0312  -0.0799 -0.0114 207 DA  B N7    
342 C  C5    . DA  B 7  ? 0.3046 0.2017 0.2658 -0.0055 -0.0393 0.0066  207 DA  B C5    
343 C  C6    . DA  B 7  ? 0.2779 0.2286 0.2721 -0.0093 -0.0155 0.0108  207 DA  B C6    
344 N  N6    . DA  B 7  ? 0.3266 0.1677 0.2626 -0.0581 -0.0420 -0.0297 207 DA  B N6    
345 N  N1    . DA  B 7  ? 0.3519 0.2151 0.2743 -0.0047 -0.0229 -0.0200 207 DA  B N1    
346 C  C2    . DA  B 7  ? 0.3093 0.2482 0.3430 0.0031  -0.0709 -0.0338 207 DA  B C2    
347 N  N3    . DA  B 7  ? 0.3194 0.2646 0.3202 0.0329  -0.0779 -0.0146 207 DA  B N3    
348 C  C4    . DA  B 7  ? 0.2835 0.2808 0.2868 0.0215  -0.0731 -0.0119 207 DA  B C4    
349 P  P     . DC  B 8  ? 0.4834 0.4241 0.6193 0.0615  -0.0284 -0.0253 208 DC  B P     
350 O  OP1   . DC  B 8  ? 0.4403 0.3910 0.6500 0.0375  -0.0608 -0.0160 208 DC  B OP1   
351 O  OP2   . DC  B 8  ? 0.5014 0.4116 0.6211 0.0940  -0.0093 -0.0471 208 DC  B OP2   
352 O  "O5'" . DC  B 8  ? 0.4011 0.3885 0.5204 0.0572  -0.0423 -0.0116 208 DC  B "O5'" 
353 C  "C5'" . DC  B 8  ? 0.3568 0.3806 0.4670 -0.0416 -0.0523 -0.0347 208 DC  B "C5'" 
354 C  "C4'" . DC  B 8  ? 0.3538 0.2958 0.4340 -0.0036 -0.0696 -0.0015 208 DC  B "C4'" 
355 O  "O4'" . DC  B 8  ? 0.3564 0.2902 0.3674 0.0531  -0.1000 0.0220  208 DC  B "O4'" 
356 C  "C3'" . DC  B 8  ? 0.3616 0.3826 0.4669 -0.0114 -0.0582 -0.0045 208 DC  B "C3'" 
357 O  "O3'" . DC  B 8  ? 0.3673 0.4264 0.5504 -0.0217 -0.0750 -0.0105 208 DC  B "O3'" 
358 C  "C2'" . DC  B 8  ? 0.3403 0.3190 0.3575 0.0098  -0.0485 0.0009  208 DC  B "C2'" 
359 C  "C1'" . DC  B 8  ? 0.3485 0.2780 0.2468 0.0450  -0.0899 0.0225  208 DC  B "C1'" 
360 N  N1    . DC  B 8  ? 0.3143 0.2410 0.2755 0.0010  -0.0645 -0.0174 208 DC  B N1    
361 C  C2    . DC  B 8  ? 0.3269 0.2506 0.2489 0.0067  -0.0440 0.0057  208 DC  B C2    
362 O  O2    . DC  B 8  ? 0.2952 0.2670 0.2825 0.0106  -0.0592 -0.0215 208 DC  B O2    
363 N  N3    . DC  B 8  ? 0.3301 0.1844 0.2390 -0.0014 -0.0521 0.0136  208 DC  B N3    
364 C  C4    . DC  B 8  ? 0.3322 0.2606 0.2453 -0.0370 -0.0227 -0.0126 208 DC  B C4    
365 N  N4    . DC  B 8  ? 0.3947 0.2490 0.2703 -0.0360 -0.0155 -0.0413 208 DC  B N4    
366 C  C5    . DC  B 8  ? 0.3609 0.2373 0.2346 0.0248  -0.0719 -0.0237 208 DC  B C5    
367 C  C6    . DC  B 8  ? 0.3972 0.2785 0.2560 0.0022  -0.0764 -0.0474 208 DC  B C6    
368 P  P     . DG  B 9  ? 0.4256 0.3847 0.5577 -0.0021 -0.0203 -0.0519 209 DG  B P     
369 O  OP1   . DG  B 9  ? 0.4227 0.4713 0.5303 0.0305  -0.1494 -0.0466 209 DG  B OP1   
370 O  OP2   . DG  B 9  ? 0.4124 0.4368 0.6192 -0.0085 0.1116  -0.0210 209 DG  B OP2   
371 O  "O5'" . DG  B 9  ? 0.3921 0.3919 0.5331 -0.0445 -0.0161 -0.0973 209 DG  B "O5'" 
372 C  "C5'" . DG  B 9  ? 0.3474 0.3670 0.3875 -0.0856 -0.0090 -0.1105 209 DG  B "C5'" 
373 C  "C4'" . DG  B 9  ? 0.3446 0.2872 0.3549 0.0023  -0.0058 -0.0281 209 DG  B "C4'" 
374 O  "O4'" . DG  B 9  ? 0.3931 0.2884 0.2580 0.0087  -0.0264 0.0024  209 DG  B "O4'" 
375 C  "C3'" . DG  B 9  ? 0.3923 0.2730 0.3485 -0.0063 -0.0326 -0.0482 209 DG  B "C3'" 
376 O  "O3'" . DG  B 9  ? 0.4441 0.2904 0.2966 -0.0060 0.0032  -0.0418 209 DG  B "O3'" 
377 C  "C2'" . DG  B 9  ? 0.3405 0.2362 0.2909 -0.0050 -0.0385 -0.0227 209 DG  B "C2'" 
378 C  "C1'" . DG  B 9  ? 0.3392 0.2820 0.2780 0.0249  -0.0467 -0.0528 209 DG  B "C1'" 
379 N  N9    . DG  B 9  ? 0.2779 0.2289 0.2718 -0.0011 -0.0389 -0.0654 209 DG  B N9    
380 C  C8    . DG  B 9  ? 0.3007 0.1356 0.2287 0.0127  -0.0122 -0.0815 209 DG  B C8    
381 N  N7    . DG  B 9  ? 0.3414 0.2181 0.2829 -0.0221 -0.0427 -0.0495 209 DG  B N7    
382 C  C5    . DG  B 9  ? 0.3090 0.1848 0.2295 -0.0075 -0.0357 -0.0195 209 DG  B C5    
383 C  C6    . DG  B 9  ? 0.3345 0.2330 0.2899 -0.0120 -0.0457 -0.0044 209 DG  B C6    
384 O  O6    . DG  B 9  ? 0.4143 0.2465 0.2526 -0.0382 -0.0485 0.0163  209 DG  B O6    
385 N  N1    . DG  B 9  ? 0.2594 0.2337 0.2292 -0.0278 -0.0090 0.0178  209 DG  B N1    
386 C  C2    . DG  B 9  ? 0.3100 0.2488 0.2229 -0.0229 -0.0207 -0.0194 209 DG  B C2    
387 N  N2    . DG  B 9  ? 0.3261 0.2719 0.2589 -0.0188 0.0096  0.0156  209 DG  B N2    
388 N  N3    . DG  B 9  ? 0.3218 0.1945 0.2342 -0.0032 -0.0261 0.0238  209 DG  B N3    
389 C  C4    . DG  B 9  ? 0.2762 0.1891 0.2227 -0.0194 -0.0173 -0.0210 209 DG  B C4    
390 P  P     . DC  B 10 ? 0.4659 0.2735 0.3541 -0.0289 -0.0210 -0.0302 210 DC  B P     
391 O  OP1   . DC  B 10 ? 0.5093 0.2535 0.4592 -0.0569 -0.0659 -0.0970 210 DC  B OP1   
392 O  OP2   . DC  B 10 ? 0.3642 0.3297 0.4729 0.0006  -0.0453 -0.0178 210 DC  B OP2   
393 O  "O5'" . DC  B 10 ? 0.3987 0.2560 0.3802 -0.0286 0.0017  -0.0465 210 DC  B "O5'" 
394 C  "C5'" . DC  B 10 ? 0.3868 0.3733 0.2994 0.0341  -0.0465 -0.0277 210 DC  B "C5'" 
395 C  "C4'" . DC  B 10 ? 0.4615 0.3219 0.3074 0.0385  0.0080  -0.0033 210 DC  B "C4'" 
396 O  "O4'" . DC  B 10 ? 0.4679 0.2962 0.2636 -0.0040 0.0523  -0.0087 210 DC  B "O4'" 
397 C  "C3'" . DC  B 10 ? 0.4877 0.2569 0.2955 0.0638  0.0329  0.0282  210 DC  B "C3'" 
398 O  "O3'" . DC  B 10 ? 0.5841 0.2610 0.3384 0.0891  0.0984  0.0508  210 DC  B "O3'" 
399 C  "C2'" . DC  B 10 ? 0.4981 0.2999 0.2850 0.0180  0.0412  0.0479  210 DC  B "C2'" 
400 C  "C1'" . DC  B 10 ? 0.4609 0.3093 0.2641 0.0027  0.0499  0.0148  210 DC  B "C1'" 
401 N  N1    . DC  B 10 ? 0.4333 0.2664 0.2672 -0.0150 -0.0225 0.0048  210 DC  B N1    
402 C  C2    . DC  B 10 ? 0.3760 0.2779 0.2708 -0.0183 -0.0330 -0.0249 210 DC  B C2    
403 O  O2    . DC  B 10 ? 0.3733 0.2752 0.3216 0.0019  -0.0453 -0.0437 210 DC  B O2    
404 N  N3    . DC  B 10 ? 0.3591 0.2537 0.2366 0.0094  -0.0293 -0.0354 210 DC  B N3    
405 C  C4    . DC  B 10 ? 0.3684 0.2091 0.2347 -0.0163 0.0043  0.0107  210 DC  B C4    
406 N  N4    . DC  B 10 ? 0.3373 0.1641 0.2884 -0.0091 0.0167  0.0052  210 DC  B N4    
407 C  C5    . DC  B 10 ? 0.4090 0.2097 0.2110 -0.0002 0.0149  0.0271  210 DC  B C5    
408 C  C6    . DC  B 10 ? 0.4209 0.2814 0.2669 -0.0007 0.0045  0.0194  210 DC  B C6    
409 SR SR    . SR  C .  ? 0.7308 0.4244 0.5174 0.0188  -0.1000 -0.0272 1   SR  A SR    
410 O  O     . HOH D .  ? 0.4765 0.3278 0.3688 -0.0253 -0.0508 0.0324  2   HOH A O     
411 O  O     . HOH D .  ? 0.4133 0.4541 0.3235 0.0215  0.0236  0.0132  4   HOH A O     
412 O  O     . HOH D .  ? 0.3851 0.4172 0.7207 0.0526  0.0970  -0.0428 12  HOH A O     
413 O  O     . HOH D .  ? 0.5731 0.3146 0.5001 -0.0054 -0.0144 0.1326  14  HOH A O     
414 O  O     . HOH D .  ? 0.6362 0.2449 0.3904 -0.0591 0.1065  -0.0157 15  HOH A O     
415 O  O     . HOH D .  ? 0.4079 0.4128 0.7484 0.1553  -0.1647 0.0212  19  HOH A O     
416 O  O     . HOH D .  ? 0.7159 0.2433 0.4665 -0.0117 -0.1928 0.0427  20  HOH A O     
417 O  O     . HOH D .  ? 0.3465 0.3020 0.3109 -0.0221 -0.0432 0.0184  22  HOH A O     
418 O  O     . HOH D .  ? 0.4960 0.2845 0.3423 0.0653  -0.0907 -0.0696 24  HOH A O     
419 O  O     . HOH D .  ? 0.5386 0.4036 0.2809 0.1823  -0.0371 0.0238  25  HOH A O     
420 O  O     . HOH D .  ? 0.2438 0.2185 0.6564 0.0613  -0.0565 0.0041  29  HOH A O     
421 O  O     . HOH D .  ? 0.3141 0.1912 0.3946 0.0188  -0.0480 0.0045  30  HOH A O     
422 O  O     . HOH E .  ? 0.3578 0.3055 0.5298 -0.0247 -0.0508 -0.1399 3   HOH B O     
423 O  O     . HOH E .  ? 0.5193 0.2911 0.4788 0.0986  -0.1835 -0.1261 5   HOH B O     
424 O  O     . HOH E .  ? 0.4811 0.3143 0.6691 0.1973  -0.0730 -0.0531 6   HOH B O     
425 O  O     . HOH E .  ? 0.3887 0.2267 0.3016 -0.0062 -0.0731 -0.0372 7   HOH B O     
426 O  O     . HOH E .  ? 0.3466 0.2782 0.3667 0.0006  -0.0922 0.0089  8   HOH B O     
427 O  O     . HOH E .  ? 0.3554 0.2556 0.3450 0.0244  -0.1603 0.0135  9   HOH B O     
428 O  O     . HOH E .  ? 0.4137 0.2954 0.2786 0.0735  0.0004  -0.0469 10  HOH B O     
429 O  O     . HOH E .  ? 0.3991 0.1879 0.5644 -0.0052 -0.0965 0.0599  11  HOH B O     
430 O  O     . HOH E .  ? 0.5296 0.4242 0.4869 0.2234  -0.2118 -0.1380 13  HOH B O     
431 O  O     . HOH E .  ? 0.6180 0.5532 0.4839 0.0676  -0.1087 -0.1879 16  HOH B O     
432 O  O     . HOH E .  ? 0.4356 0.2672 0.3340 -0.0727 -0.0448 -0.0447 17  HOH B O     
433 O  O     . HOH E .  ? 0.4029 0.2875 0.4714 0.0512  -0.0503 -0.0116 18  HOH B O     
434 O  O     . HOH E .  ? 0.3708 0.4316 0.4083 -0.0323 -0.0796 0.1142  21  HOH B O     
435 O  O     . HOH E .  ? 0.3270 0.6126 0.3891 0.1196  -0.0096 0.1823  23  HOH B O     
436 O  O     . HOH E .  ? 0.5088 0.2756 0.3874 0.1013  0.0817  0.0250  26  HOH B O     
437 O  O     . HOH E .  ? 0.5778 0.3151 0.4579 -0.0276 -0.1141 0.0138  27  HOH B O     
438 O  O     . HOH E .  ? 0.5588 0.4209 0.4541 -0.0240 -0.0977 -0.0507 28  HOH B O     
# 
loop_
_pdbx_poly_seq_scheme.asym_id 
_pdbx_poly_seq_scheme.entity_id 
_pdbx_poly_seq_scheme.seq_id 
_pdbx_poly_seq_scheme.mon_id 
_pdbx_poly_seq_scheme.ndb_seq_num 
_pdbx_poly_seq_scheme.pdb_seq_num 
_pdbx_poly_seq_scheme.auth_seq_num 
_pdbx_poly_seq_scheme.pdb_mon_id 
_pdbx_poly_seq_scheme.auth_mon_id 
_pdbx_poly_seq_scheme.pdb_strand_id 
_pdbx_poly_seq_scheme.pdb_ins_code 
_pdbx_poly_seq_scheme.hetero 
A 1 1  DG  1  101 101 DG  DG  A . n 
A 1 2  DC  2  102 102 DC  DC  A . n 
A 1 3  DG  3  103 103 DG  DG  A . n 
A 1 4  DT  4  104 104 DT  DT  A . n 
A 1 5  DA  5  105 105 DA  DA  A . n 
A 1 6  F4H 6  106 106 F4H F4H A . n 
A 1 7  DA  7  107 107 DA  DA  A . n 
A 1 8  DC  8  108 108 DC  DC  A . n 
A 1 9  DG  9  109 109 DG  DG  A . n 
A 1 10 DC  10 110 110 DC  DC  A . n 
B 1 1  DG  1  201 201 DG  DG  B . n 
B 1 2  DC  2  202 202 DC  DC  B . n 
B 1 3  DG  3  203 203 DG  DG  B . n 
B 1 4  DT  4  204 204 DT  DT  B . n 
B 1 5  DA  5  205 205 DA  DA  B . n 
B 1 6  F4H 6  206 206 F4H F4H B . n 
B 1 7  DA  7  207 207 DA  DA  B . n 
B 1 8  DC  8  208 208 DC  DC  B . n 
B 1 9  DG  9  209 209 DG  DG  B . n 
B 1 10 DC  10 210 210 DC  DC  B . n 
# 
loop_
_pdbx_nonpoly_scheme.asym_id 
_pdbx_nonpoly_scheme.entity_id 
_pdbx_nonpoly_scheme.mon_id 
_pdbx_nonpoly_scheme.ndb_seq_num 
_pdbx_nonpoly_scheme.pdb_seq_num 
_pdbx_nonpoly_scheme.auth_seq_num 
_pdbx_nonpoly_scheme.pdb_mon_id 
_pdbx_nonpoly_scheme.auth_mon_id 
_pdbx_nonpoly_scheme.pdb_strand_id 
_pdbx_nonpoly_scheme.pdb_ins_code 
C 2 SR  1  1  1  SR  SR  A . 
D 3 HOH 1  2  2  HOH HOH A . 
D 3 HOH 2  4  4  HOH HOH A . 
D 3 HOH 3  12 12 HOH HOH A . 
D 3 HOH 4  14 14 HOH HOH A . 
D 3 HOH 5  15 15 HOH HOH A . 
D 3 HOH 6  19 19 HOH HOH A . 
D 3 HOH 7  20 20 HOH HOH A . 
D 3 HOH 8  22 22 HOH HOH A . 
D 3 HOH 9  24 24 HOH HOH A . 
D 3 HOH 10 25 25 HOH HOH A . 
D 3 HOH 11 29 29 HOH HOH A . 
D 3 HOH 12 30 30 HOH HOH A . 
E 3 HOH 1  3  3  HOH HOH B . 
E 3 HOH 2  5  5  HOH HOH B . 
E 3 HOH 3  6  6  HOH HOH B . 
E 3 HOH 4  7  7  HOH HOH B . 
E 3 HOH 5  8  8  HOH HOH B . 
E 3 HOH 6  9  9  HOH HOH B . 
E 3 HOH 7  10 10 HOH HOH B . 
E 3 HOH 8  11 11 HOH HOH B . 
E 3 HOH 9  13 13 HOH HOH B . 
E 3 HOH 10 16 16 HOH HOH B . 
E 3 HOH 11 17 17 HOH HOH B . 
E 3 HOH 12 18 18 HOH HOH B . 
E 3 HOH 13 21 21 HOH HOH B . 
E 3 HOH 14 23 23 HOH HOH B . 
E 3 HOH 15 26 26 HOH HOH B . 
E 3 HOH 16 27 27 HOH HOH B . 
E 3 HOH 17 28 28 HOH HOH B . 
# 
loop_
_pdbx_struct_mod_residue.id 
_pdbx_struct_mod_residue.label_asym_id 
_pdbx_struct_mod_residue.label_comp_id 
_pdbx_struct_mod_residue.label_seq_id 
_pdbx_struct_mod_residue.auth_asym_id 
_pdbx_struct_mod_residue.auth_comp_id 
_pdbx_struct_mod_residue.auth_seq_id 
_pdbx_struct_mod_residue.PDB_ins_code 
_pdbx_struct_mod_residue.parent_comp_id 
_pdbx_struct_mod_residue.details 
1 A F4H 6 A F4H 106 ? DT ? 
2 B F4H 6 B F4H 206 ? DT ? 
# 
_pdbx_struct_assembly.id                   1 
_pdbx_struct_assembly.details              author_and_software_defined_assembly 
_pdbx_struct_assembly.method_details       PISA 
_pdbx_struct_assembly.oligomeric_details   dimeric 
_pdbx_struct_assembly.oligomeric_count     2 
# 
_pdbx_struct_assembly_gen.assembly_id       1 
_pdbx_struct_assembly_gen.oper_expression   1 
_pdbx_struct_assembly_gen.asym_id_list      A,B,C,D,E 
# 
loop_
_pdbx_struct_assembly_prop.biol_id 
_pdbx_struct_assembly_prop.type 
_pdbx_struct_assembly_prop.value 
_pdbx_struct_assembly_prop.details 
1 'ABSA (A^2)' 1240 ? 
1 MORE         -29  ? 
1 'SSA (A^2)'  3700 ? 
# 
_pdbx_struct_oper_list.id                   1 
_pdbx_struct_oper_list.type                 'identity operation' 
_pdbx_struct_oper_list.name                 1_555 
_pdbx_struct_oper_list.symmetry_operation   x,y,z 
_pdbx_struct_oper_list.matrix[1][1]         1.0000000000 
_pdbx_struct_oper_list.matrix[1][2]         0.0000000000 
_pdbx_struct_oper_list.matrix[1][3]         0.0000000000 
_pdbx_struct_oper_list.vector[1]            0.0000000000 
_pdbx_struct_oper_list.matrix[2][1]         0.0000000000 
_pdbx_struct_oper_list.matrix[2][2]         1.0000000000 
_pdbx_struct_oper_list.matrix[2][3]         0.0000000000 
_pdbx_struct_oper_list.vector[2]            0.0000000000 
_pdbx_struct_oper_list.matrix[3][1]         0.0000000000 
_pdbx_struct_oper_list.matrix[3][2]         0.0000000000 
_pdbx_struct_oper_list.matrix[3][3]         1.0000000000 
_pdbx_struct_oper_list.vector[3]            0.0000000000 
# 
loop_
_pdbx_audit_revision_history.ordinal 
_pdbx_audit_revision_history.data_content_type 
_pdbx_audit_revision_history.major_revision 
_pdbx_audit_revision_history.minor_revision 
_pdbx_audit_revision_history.revision_date 
1 'Structure model' 1 0 2012-08-29 
2 'Structure model' 1 1 2023-09-13 
# 
_pdbx_audit_revision_details.ordinal             1 
_pdbx_audit_revision_details.revision_ordinal    1 
_pdbx_audit_revision_details.data_content_type   'Structure model' 
_pdbx_audit_revision_details.provider            repository 
_pdbx_audit_revision_details.type                'Initial release' 
_pdbx_audit_revision_details.description         ? 
_pdbx_audit_revision_details.details             ? 
# 
loop_
_pdbx_audit_revision_group.ordinal 
_pdbx_audit_revision_group.revision_ordinal 
_pdbx_audit_revision_group.data_content_type 
_pdbx_audit_revision_group.group 
1 2 'Structure model' 'Data collection'        
2 2 'Structure model' 'Database references'    
3 2 'Structure model' 'Derived calculations'   
4 2 'Structure model' 'Refinement description' 
# 
loop_
_pdbx_audit_revision_category.ordinal 
_pdbx_audit_revision_category.revision_ordinal 
_pdbx_audit_revision_category.data_content_type 
_pdbx_audit_revision_category.category 
1 2 'Structure model' chem_comp_atom                
2 2 'Structure model' chem_comp_bond                
3 2 'Structure model' database_2                    
4 2 'Structure model' pdbx_initial_refinement_model 
5 2 'Structure model' struct_conn                   
6 2 'Structure model' struct_site                   
# 
loop_
_pdbx_audit_revision_item.ordinal 
_pdbx_audit_revision_item.revision_ordinal 
_pdbx_audit_revision_item.data_content_type 
_pdbx_audit_revision_item.item 
1 2 'Structure model' '_database_2.pdbx_DOI'                
2 2 'Structure model' '_database_2.pdbx_database_accession' 
3 2 'Structure model' '_struct_conn.pdbx_leaving_atom_flag' 
4 2 'Structure model' '_struct_site.pdbx_auth_asym_id'      
5 2 'Structure model' '_struct_site.pdbx_auth_comp_id'      
6 2 'Structure model' '_struct_site.pdbx_auth_seq_id'       
# 
loop_
_software.name 
_software.classification 
_software.version 
_software.citation_id 
_software.pdbx_ordinal 
MAR345dtb 'data collection' .        ? 1 
CCP4      'model building'  MOLREP   ? 2 
REFMAC    refinement        5.5.0109 ? 3 
HKL-2000  'data reduction'  .        ? 4 
HKL-2000  'data scaling'    .        ? 5 
CCP4      phasing           MOLREP   ? 6 
# 
_pdbx_validate_rmsd_bond.id                        1 
_pdbx_validate_rmsd_bond.PDB_model_num             1 
_pdbx_validate_rmsd_bond.auth_atom_id_1            "O3'" 
_pdbx_validate_rmsd_bond.auth_asym_id_1            A 
_pdbx_validate_rmsd_bond.auth_comp_id_1            DG 
_pdbx_validate_rmsd_bond.auth_seq_id_1             109 
_pdbx_validate_rmsd_bond.PDB_ins_code_1            ? 
_pdbx_validate_rmsd_bond.label_alt_id_1            ? 
_pdbx_validate_rmsd_bond.auth_atom_id_2            "C3'" 
_pdbx_validate_rmsd_bond.auth_asym_id_2            A 
_pdbx_validate_rmsd_bond.auth_comp_id_2            DG 
_pdbx_validate_rmsd_bond.auth_seq_id_2             109 
_pdbx_validate_rmsd_bond.PDB_ins_code_2            ? 
_pdbx_validate_rmsd_bond.label_alt_id_2            ? 
_pdbx_validate_rmsd_bond.bond_value                1.377 
_pdbx_validate_rmsd_bond.bond_target_value         1.419 
_pdbx_validate_rmsd_bond.bond_deviation            -0.042 
_pdbx_validate_rmsd_bond.bond_standard_deviation   0.006 
_pdbx_validate_rmsd_bond.linker_flag               N 
# 
loop_
_pdbx_validate_rmsd_angle.id 
_pdbx_validate_rmsd_angle.PDB_model_num 
_pdbx_validate_rmsd_angle.auth_atom_id_1 
_pdbx_validate_rmsd_angle.auth_asym_id_1 
_pdbx_validate_rmsd_angle.auth_comp_id_1 
_pdbx_validate_rmsd_angle.auth_seq_id_1 
_pdbx_validate_rmsd_angle.PDB_ins_code_1 
_pdbx_validate_rmsd_angle.label_alt_id_1 
_pdbx_validate_rmsd_angle.auth_atom_id_2 
_pdbx_validate_rmsd_angle.auth_asym_id_2 
_pdbx_validate_rmsd_angle.auth_comp_id_2 
_pdbx_validate_rmsd_angle.auth_seq_id_2 
_pdbx_validate_rmsd_angle.PDB_ins_code_2 
_pdbx_validate_rmsd_angle.label_alt_id_2 
_pdbx_validate_rmsd_angle.auth_atom_id_3 
_pdbx_validate_rmsd_angle.auth_asym_id_3 
_pdbx_validate_rmsd_angle.auth_comp_id_3 
_pdbx_validate_rmsd_angle.auth_seq_id_3 
_pdbx_validate_rmsd_angle.PDB_ins_code_3 
_pdbx_validate_rmsd_angle.label_alt_id_3 
_pdbx_validate_rmsd_angle.angle_value 
_pdbx_validate_rmsd_angle.angle_target_value 
_pdbx_validate_rmsd_angle.angle_deviation 
_pdbx_validate_rmsd_angle.angle_standard_deviation 
_pdbx_validate_rmsd_angle.linker_flag 
1  1 "O4'" A DC 102 ? ? "C4'" A DC  102 ? ? "C3'" A DC  102 ? ? 101.81 104.50 -2.69  0.40 N 
2  1 "O4'" A DC 102 ? ? "C1'" A DC  102 ? ? N1    A DC  102 ? ? 111.63 108.30 3.33   0.30 N 
3  1 "O3'" A DA 105 ? ? P     A F4H 106 ? ? "O5'" A F4H 106 ? ? 81.75  104.00 -22.25 1.90 Y 
4  1 "O4'" A DA 107 ? ? "C1'" A DA  107 ? ? N9    A DA  107 ? ? 111.27 108.30 2.97   0.30 N 
5  1 "O4'" A DG 109 ? ? "C4'" A DG  109 ? ? "C3'" A DG  109 ? ? 101.60 104.50 -2.90  0.40 N 
6  1 "C3'" A DG 109 ? ? "C2'" A DG  109 ? ? "C1'" A DG  109 ? ? 97.08  102.40 -5.32  0.80 N 
7  1 "O4'" B DC 202 ? ? "C1'" B DC  202 ? ? N1    B DC  202 ? ? 110.13 108.30 1.83   0.30 N 
8  1 "O4'" B DG 203 ? ? "C4'" B DG  203 ? ? "C3'" B DG  203 ? ? 101.91 104.50 -2.59  0.40 N 
9  1 "O4'" B DA 205 ? ? "C4'" B DA  205 ? ? "C3'" B DA  205 ? ? 101.53 104.50 -2.97  0.40 N 
10 1 "C4'" B DA 205 ? ? "C3'" B DA  205 ? ? "C2'" B DA  205 ? ? 97.29  102.20 -4.91  0.70 N 
11 1 "O4'" B DA 205 ? ? "C1'" B DA  205 ? ? N9    B DA  205 ? ? 110.25 108.30 1.95   0.30 N 
12 1 "O3'" B DA 205 ? ? P     B F4H 206 ? ? "O5'" B F4H 206 ? ? 83.22  104.00 -20.78 1.90 Y 
13 1 "O4'" B DA 207 ? ? "C1'" B DA  207 ? ? N9    B DA  207 ? ? 111.48 108.30 3.18   0.30 N 
14 1 "O4'" B DC 208 ? ? "C4'" B DC  208 ? ? "C3'" B DC  208 ? ? 101.47 104.50 -3.03  0.40 N 
15 1 "O4'" B DC 208 ? ? "C1'" B DC  208 ? ? N1    B DC  208 ? ? 110.19 108.30 1.89   0.30 N 
16 1 "O4'" B DC 210 ? ? "C4'" B DC  210 ? ? "C3'" B DC  210 ? ? 101.64 104.50 -2.86  0.40 N 
17 1 "O4'" B DC 210 ? ? "C1'" B DC  210 ? ? N1    B DC  210 ? ? 110.64 108.30 2.34   0.30 N 
# 
loop_
_chem_comp_atom.comp_id 
_chem_comp_atom.atom_id 
_chem_comp_atom.type_symbol 
_chem_comp_atom.pdbx_aromatic_flag 
_chem_comp_atom.pdbx_stereo_config 
_chem_comp_atom.pdbx_ordinal 
DA  OP3    O  N N 1   
DA  P      P  N N 2   
DA  OP1    O  N N 3   
DA  OP2    O  N N 4   
DA  "O5'"  O  N N 5   
DA  "C5'"  C  N N 6   
DA  "C4'"  C  N R 7   
DA  "O4'"  O  N N 8   
DA  "C3'"  C  N S 9   
DA  "O3'"  O  N N 10  
DA  "C2'"  C  N N 11  
DA  "C1'"  C  N R 12  
DA  N9     N  Y N 13  
DA  C8     C  Y N 14  
DA  N7     N  Y N 15  
DA  C5     C  Y N 16  
DA  C6     C  Y N 17  
DA  N6     N  N N 18  
DA  N1     N  Y N 19  
DA  C2     C  Y N 20  
DA  N3     N  Y N 21  
DA  C4     C  Y N 22  
DA  HOP3   H  N N 23  
DA  HOP2   H  N N 24  
DA  "H5'"  H  N N 25  
DA  "H5''" H  N N 26  
DA  "H4'"  H  N N 27  
DA  "H3'"  H  N N 28  
DA  "HO3'" H  N N 29  
DA  "H2'"  H  N N 30  
DA  "H2''" H  N N 31  
DA  "H1'"  H  N N 32  
DA  H8     H  N N 33  
DA  H61    H  N N 34  
DA  H62    H  N N 35  
DA  H2     H  N N 36  
DC  OP3    O  N N 37  
DC  P      P  N N 38  
DC  OP1    O  N N 39  
DC  OP2    O  N N 40  
DC  "O5'"  O  N N 41  
DC  "C5'"  C  N N 42  
DC  "C4'"  C  N R 43  
DC  "O4'"  O  N N 44  
DC  "C3'"  C  N S 45  
DC  "O3'"  O  N N 46  
DC  "C2'"  C  N N 47  
DC  "C1'"  C  N R 48  
DC  N1     N  N N 49  
DC  C2     C  N N 50  
DC  O2     O  N N 51  
DC  N3     N  N N 52  
DC  C4     C  N N 53  
DC  N4     N  N N 54  
DC  C5     C  N N 55  
DC  C6     C  N N 56  
DC  HOP3   H  N N 57  
DC  HOP2   H  N N 58  
DC  "H5'"  H  N N 59  
DC  "H5''" H  N N 60  
DC  "H4'"  H  N N 61  
DC  "H3'"  H  N N 62  
DC  "HO3'" H  N N 63  
DC  "H2'"  H  N N 64  
DC  "H2''" H  N N 65  
DC  "H1'"  H  N N 66  
DC  H41    H  N N 67  
DC  H42    H  N N 68  
DC  H5     H  N N 69  
DC  H6     H  N N 70  
DG  OP3    O  N N 71  
DG  P      P  N N 72  
DG  OP1    O  N N 73  
DG  OP2    O  N N 74  
DG  "O5'"  O  N N 75  
DG  "C5'"  C  N N 76  
DG  "C4'"  C  N R 77  
DG  "O4'"  O  N N 78  
DG  "C3'"  C  N S 79  
DG  "O3'"  O  N N 80  
DG  "C2'"  C  N N 81  
DG  "C1'"  C  N R 82  
DG  N9     N  Y N 83  
DG  C8     C  Y N 84  
DG  N7     N  Y N 85  
DG  C5     C  Y N 86  
DG  C6     C  N N 87  
DG  O6     O  N N 88  
DG  N1     N  N N 89  
DG  C2     C  N N 90  
DG  N2     N  N N 91  
DG  N3     N  N N 92  
DG  C4     C  Y N 93  
DG  HOP3   H  N N 94  
DG  HOP2   H  N N 95  
DG  "H5'"  H  N N 96  
DG  "H5''" H  N N 97  
DG  "H4'"  H  N N 98  
DG  "H3'"  H  N N 99  
DG  "HO3'" H  N N 100 
DG  "H2'"  H  N N 101 
DG  "H2''" H  N N 102 
DG  "H1'"  H  N N 103 
DG  H8     H  N N 104 
DG  H1     H  N N 105 
DG  H21    H  N N 106 
DG  H22    H  N N 107 
DT  OP3    O  N N 108 
DT  P      P  N N 109 
DT  OP1    O  N N 110 
DT  OP2    O  N N 111 
DT  "O5'"  O  N N 112 
DT  "C5'"  C  N N 113 
DT  "C4'"  C  N R 114 
DT  "O4'"  O  N N 115 
DT  "C3'"  C  N S 116 
DT  "O3'"  O  N N 117 
DT  "C2'"  C  N N 118 
DT  "C1'"  C  N R 119 
DT  N1     N  N N 120 
DT  C2     C  N N 121 
DT  O2     O  N N 122 
DT  N3     N  N N 123 
DT  C4     C  N N 124 
DT  O4     O  N N 125 
DT  C5     C  N N 126 
DT  C7     C  N N 127 
DT  C6     C  N N 128 
DT  HOP3   H  N N 129 
DT  HOP2   H  N N 130 
DT  "H5'"  H  N N 131 
DT  "H5''" H  N N 132 
DT  "H4'"  H  N N 133 
DT  "H3'"  H  N N 134 
DT  "HO3'" H  N N 135 
DT  "H2'"  H  N N 136 
DT  "H2''" H  N N 137 
DT  "H1'"  H  N N 138 
DT  H3     H  N N 139 
DT  H71    H  N N 140 
DT  H72    H  N N 141 
DT  H73    H  N N 142 
DT  H6     H  N N 143 
F4H P      P  N N 144 
F4H N1     N  N N 145 
F4H C2     C  N N 146 
F4H O2     O  N N 147 
F4H N3     N  N N 148 
F4H C4     C  N N 149 
F4H O4     O  N N 150 
F4H C5     C  N N 151 
F4H C6     C  N N 152 
F4H "C1'"  C  N N 153 
F4H "C2'"  C  N R 154 
F4H "C3'"  C  N R 155 
F4H "F3'"  F  N N 156 
F4H "C4'"  C  N R 157 
F4H "O4'"  O  N N 158 
F4H "C5'"  C  N R 159 
F4H "O5'"  O  N N 160 
F4H C5M    C  N N 161 
F4H "C6'"  C  N N 162 
F4H "O6'"  O  N N 163 
F4H HN3    H  N N 164 
F4H H6     H  N N 165 
F4H "H1'"  H  N N 166 
F4H "H1'A" H  N N 167 
F4H "H2'"  H  N N 168 
F4H "H3'"  H  N N 169 
F4H "H4'"  H  N N 170 
F4H "HO4'" H  N N 171 
F4H "H5'"  H  N N 172 
F4H H5M    H  N N 173 
F4H H5MA   H  N N 174 
F4H H5MB   H  N N 175 
F4H "H6'"  H  N N 176 
F4H "H6'A" H  N N 177 
F4H O1P    O  N N 178 
F4H O2P    O  N N 179 
F4H O3P    O  N N 180 
F4H H15    H  N N 181 
F4H H16    H  N N 182 
HOH O      O  N N 183 
HOH H1     H  N N 184 
HOH H2     H  N N 185 
SR  SR     SR N N 186 
# 
loop_
_chem_comp_bond.comp_id 
_chem_comp_bond.atom_id_1 
_chem_comp_bond.atom_id_2 
_chem_comp_bond.value_order 
_chem_comp_bond.pdbx_aromatic_flag 
_chem_comp_bond.pdbx_stereo_config 
_chem_comp_bond.pdbx_ordinal 
DA  OP3   P      sing N N 1   
DA  OP3   HOP3   sing N N 2   
DA  P     OP1    doub N N 3   
DA  P     OP2    sing N N 4   
DA  P     "O5'"  sing N N 5   
DA  OP2   HOP2   sing N N 6   
DA  "O5'" "C5'"  sing N N 7   
DA  "C5'" "C4'"  sing N N 8   
DA  "C5'" "H5'"  sing N N 9   
DA  "C5'" "H5''" sing N N 10  
DA  "C4'" "O4'"  sing N N 11  
DA  "C4'" "C3'"  sing N N 12  
DA  "C4'" "H4'"  sing N N 13  
DA  "O4'" "C1'"  sing N N 14  
DA  "C3'" "O3'"  sing N N 15  
DA  "C3'" "C2'"  sing N N 16  
DA  "C3'" "H3'"  sing N N 17  
DA  "O3'" "HO3'" sing N N 18  
DA  "C2'" "C1'"  sing N N 19  
DA  "C2'" "H2'"  sing N N 20  
DA  "C2'" "H2''" sing N N 21  
DA  "C1'" N9     sing N N 22  
DA  "C1'" "H1'"  sing N N 23  
DA  N9    C8     sing Y N 24  
DA  N9    C4     sing Y N 25  
DA  C8    N7     doub Y N 26  
DA  C8    H8     sing N N 27  
DA  N7    C5     sing Y N 28  
DA  C5    C6     sing Y N 29  
DA  C5    C4     doub Y N 30  
DA  C6    N6     sing N N 31  
DA  C6    N1     doub Y N 32  
DA  N6    H61    sing N N 33  
DA  N6    H62    sing N N 34  
DA  N1    C2     sing Y N 35  
DA  C2    N3     doub Y N 36  
DA  C2    H2     sing N N 37  
DA  N3    C4     sing Y N 38  
DC  OP3   P      sing N N 39  
DC  OP3   HOP3   sing N N 40  
DC  P     OP1    doub N N 41  
DC  P     OP2    sing N N 42  
DC  P     "O5'"  sing N N 43  
DC  OP2   HOP2   sing N N 44  
DC  "O5'" "C5'"  sing N N 45  
DC  "C5'" "C4'"  sing N N 46  
DC  "C5'" "H5'"  sing N N 47  
DC  "C5'" "H5''" sing N N 48  
DC  "C4'" "O4'"  sing N N 49  
DC  "C4'" "C3'"  sing N N 50  
DC  "C4'" "H4'"  sing N N 51  
DC  "O4'" "C1'"  sing N N 52  
DC  "C3'" "O3'"  sing N N 53  
DC  "C3'" "C2'"  sing N N 54  
DC  "C3'" "H3'"  sing N N 55  
DC  "O3'" "HO3'" sing N N 56  
DC  "C2'" "C1'"  sing N N 57  
DC  "C2'" "H2'"  sing N N 58  
DC  "C2'" "H2''" sing N N 59  
DC  "C1'" N1     sing N N 60  
DC  "C1'" "H1'"  sing N N 61  
DC  N1    C2     sing N N 62  
DC  N1    C6     sing N N 63  
DC  C2    O2     doub N N 64  
DC  C2    N3     sing N N 65  
DC  N3    C4     doub N N 66  
DC  C4    N4     sing N N 67  
DC  C4    C5     sing N N 68  
DC  N4    H41    sing N N 69  
DC  N4    H42    sing N N 70  
DC  C5    C6     doub N N 71  
DC  C5    H5     sing N N 72  
DC  C6    H6     sing N N 73  
DG  OP3   P      sing N N 74  
DG  OP3   HOP3   sing N N 75  
DG  P     OP1    doub N N 76  
DG  P     OP2    sing N N 77  
DG  P     "O5'"  sing N N 78  
DG  OP2   HOP2   sing N N 79  
DG  "O5'" "C5'"  sing N N 80  
DG  "C5'" "C4'"  sing N N 81  
DG  "C5'" "H5'"  sing N N 82  
DG  "C5'" "H5''" sing N N 83  
DG  "C4'" "O4'"  sing N N 84  
DG  "C4'" "C3'"  sing N N 85  
DG  "C4'" "H4'"  sing N N 86  
DG  "O4'" "C1'"  sing N N 87  
DG  "C3'" "O3'"  sing N N 88  
DG  "C3'" "C2'"  sing N N 89  
DG  "C3'" "H3'"  sing N N 90  
DG  "O3'" "HO3'" sing N N 91  
DG  "C2'" "C1'"  sing N N 92  
DG  "C2'" "H2'"  sing N N 93  
DG  "C2'" "H2''" sing N N 94  
DG  "C1'" N9     sing N N 95  
DG  "C1'" "H1'"  sing N N 96  
DG  N9    C8     sing Y N 97  
DG  N9    C4     sing Y N 98  
DG  C8    N7     doub Y N 99  
DG  C8    H8     sing N N 100 
DG  N7    C5     sing Y N 101 
DG  C5    C6     sing N N 102 
DG  C5    C4     doub Y N 103 
DG  C6    O6     doub N N 104 
DG  C6    N1     sing N N 105 
DG  N1    C2     sing N N 106 
DG  N1    H1     sing N N 107 
DG  C2    N2     sing N N 108 
DG  C2    N3     doub N N 109 
DG  N2    H21    sing N N 110 
DG  N2    H22    sing N N 111 
DG  N3    C4     sing N N 112 
DT  OP3   P      sing N N 113 
DT  OP3   HOP3   sing N N 114 
DT  P     OP1    doub N N 115 
DT  P     OP2    sing N N 116 
DT  P     "O5'"  sing N N 117 
DT  OP2   HOP2   sing N N 118 
DT  "O5'" "C5'"  sing N N 119 
DT  "C5'" "C4'"  sing N N 120 
DT  "C5'" "H5'"  sing N N 121 
DT  "C5'" "H5''" sing N N 122 
DT  "C4'" "O4'"  sing N N 123 
DT  "C4'" "C3'"  sing N N 124 
DT  "C4'" "H4'"  sing N N 125 
DT  "O4'" "C1'"  sing N N 126 
DT  "C3'" "O3'"  sing N N 127 
DT  "C3'" "C2'"  sing N N 128 
DT  "C3'" "H3'"  sing N N 129 
DT  "O3'" "HO3'" sing N N 130 
DT  "C2'" "C1'"  sing N N 131 
DT  "C2'" "H2'"  sing N N 132 
DT  "C2'" "H2''" sing N N 133 
DT  "C1'" N1     sing N N 134 
DT  "C1'" "H1'"  sing N N 135 
DT  N1    C2     sing N N 136 
DT  N1    C6     sing N N 137 
DT  C2    O2     doub N N 138 
DT  C2    N3     sing N N 139 
DT  N3    C4     sing N N 140 
DT  N3    H3     sing N N 141 
DT  C4    O4     doub N N 142 
DT  C4    C5     sing N N 143 
DT  C5    C7     sing N N 144 
DT  C5    C6     doub N N 145 
DT  C7    H71    sing N N 146 
DT  C7    H72    sing N N 147 
DT  C7    H73    sing N N 148 
DT  C6    H6     sing N N 149 
F4H P     "O6'"  sing N N 150 
F4H N1    C2     sing N N 151 
F4H N1    C6     sing N N 152 
F4H N1    "C2'"  sing N N 153 
F4H C2    O2     doub N N 154 
F4H C2    N3     sing N N 155 
F4H N3    C4     sing N N 156 
F4H N3    HN3    sing N N 157 
F4H C4    O4     doub N N 158 
F4H C4    C5     sing N N 159 
F4H C5    C6     doub N N 160 
F4H C5    C5M    sing N N 161 
F4H C6    H6     sing N N 162 
F4H "C1'" "C2'"  sing N N 163 
F4H "C1'" "O5'"  sing N N 164 
F4H "C1'" "H1'"  sing N N 165 
F4H "C1'" "H1'A" sing N N 166 
F4H "C2'" "C3'"  sing N N 167 
F4H "C2'" "H2'"  sing N N 168 
F4H "C3'" "F3'"  sing N N 169 
F4H "C3'" "C4'"  sing N N 170 
F4H "C3'" "H3'"  sing N N 171 
F4H "C4'" "O4'"  sing N N 172 
F4H "C4'" "C5'"  sing N N 173 
F4H "C4'" "H4'"  sing N N 174 
F4H "O4'" "HO4'" sing N N 175 
F4H "C5'" "O5'"  sing N N 176 
F4H "C5'" "C6'"  sing N N 177 
F4H "C5'" "H5'"  sing N N 178 
F4H C5M   H5M    sing N N 179 
F4H C5M   H5MA   sing N N 180 
F4H C5M   H5MB   sing N N 181 
F4H "C6'" "O6'"  sing N N 182 
F4H "C6'" "H6'"  sing N N 183 
F4H "C6'" "H6'A" sing N N 184 
F4H P     O1P    sing N N 185 
F4H P     O2P    doub N N 186 
F4H P     O3P    sing N N 187 
F4H O1P   H15    sing N N 188 
F4H O3P   H16    sing N N 189 
HOH O     H1     sing N N 190 
HOH O     H2     sing N N 191 
# 
loop_
_ndb_struct_conf_na.entry_id 
_ndb_struct_conf_na.feature 
3SD8 'a-form double helix' 
3SD8 'internal loop'       
# 
loop_
_ndb_struct_na_base_pair.model_number 
_ndb_struct_na_base_pair.i_label_asym_id 
_ndb_struct_na_base_pair.i_label_comp_id 
_ndb_struct_na_base_pair.i_label_seq_id 
_ndb_struct_na_base_pair.i_symmetry 
_ndb_struct_na_base_pair.j_label_asym_id 
_ndb_struct_na_base_pair.j_label_comp_id 
_ndb_struct_na_base_pair.j_label_seq_id 
_ndb_struct_na_base_pair.j_symmetry 
_ndb_struct_na_base_pair.shear 
_ndb_struct_na_base_pair.stretch 
_ndb_struct_na_base_pair.stagger 
_ndb_struct_na_base_pair.buckle 
_ndb_struct_na_base_pair.propeller 
_ndb_struct_na_base_pair.opening 
_ndb_struct_na_base_pair.pair_number 
_ndb_struct_na_base_pair.pair_name 
_ndb_struct_na_base_pair.i_auth_asym_id 
_ndb_struct_na_base_pair.i_auth_seq_id 
_ndb_struct_na_base_pair.i_PDB_ins_code 
_ndb_struct_na_base_pair.j_auth_asym_id 
_ndb_struct_na_base_pair.j_auth_seq_id 
_ndb_struct_na_base_pair.j_PDB_ins_code 
_ndb_struct_na_base_pair.hbond_type_28 
_ndb_struct_na_base_pair.hbond_type_12 
1 A DG 1  1_555 B DC 10 1_555 -0.284 -0.142 0.129  1.672  -3.542  -0.244 1 A_DG101:DC210_B A 101 ? B 210 ? 19 1 
1 A DC 2  1_555 B DG 9  1_555 0.065  -0.109 -0.112 8.057  -8.799  1.542  2 A_DC102:DG209_B A 102 ? B 209 ? 19 1 
1 A DG 3  1_555 B DC 8  1_555 -0.254 -0.174 0.001  -8.120 -15.011 0.695  3 A_DG103:DC208_B A 103 ? B 208 ? 19 1 
1 A DT 4  1_555 B DA 7  1_555 -0.167 -0.173 -0.043 -5.132 -12.884 -1.147 4 A_DT104:DA207_B A 104 ? B 207 ? 20 1 
1 A DA 7  1_555 B DT 4  1_555 0.167  -0.140 0.005  -2.585 -11.986 1.875  5 A_DA107:DT204_B A 107 ? B 204 ? 20 1 
1 A DC 8  1_555 B DG 3  1_555 0.291  -0.120 0.109  2.592  -15.016 2.625  6 A_DC108:DG203_B A 108 ? B 203 ? 19 1 
1 A DG 9  1_555 B DC 2  1_555 -0.157 -0.170 0.142  -4.960 -6.833  -0.707 7 A_DG109:DC202_B A 109 ? B 202 ? 19 1 
1 A DC 10 1_555 B DG 1  1_555 0.214  -0.144 0.028  1.202  2.726   -0.445 8 A_DC110:DG201_B A 110 ? B 201 ? 19 1 
# 
loop_
_ndb_struct_na_base_pair_step.model_number 
_ndb_struct_na_base_pair_step.i_label_asym_id_1 
_ndb_struct_na_base_pair_step.i_label_comp_id_1 
_ndb_struct_na_base_pair_step.i_label_seq_id_1 
_ndb_struct_na_base_pair_step.i_symmetry_1 
_ndb_struct_na_base_pair_step.j_label_asym_id_1 
_ndb_struct_na_base_pair_step.j_label_comp_id_1 
_ndb_struct_na_base_pair_step.j_label_seq_id_1 
_ndb_struct_na_base_pair_step.j_symmetry_1 
_ndb_struct_na_base_pair_step.i_label_asym_id_2 
_ndb_struct_na_base_pair_step.i_label_comp_id_2 
_ndb_struct_na_base_pair_step.i_label_seq_id_2 
_ndb_struct_na_base_pair_step.i_symmetry_2 
_ndb_struct_na_base_pair_step.j_label_asym_id_2 
_ndb_struct_na_base_pair_step.j_label_comp_id_2 
_ndb_struct_na_base_pair_step.j_label_seq_id_2 
_ndb_struct_na_base_pair_step.j_symmetry_2 
_ndb_struct_na_base_pair_step.shift 
_ndb_struct_na_base_pair_step.slide 
_ndb_struct_na_base_pair_step.rise 
_ndb_struct_na_base_pair_step.tilt 
_ndb_struct_na_base_pair_step.roll 
_ndb_struct_na_base_pair_step.twist 
_ndb_struct_na_base_pair_step.x_displacement 
_ndb_struct_na_base_pair_step.y_displacement 
_ndb_struct_na_base_pair_step.helical_rise 
_ndb_struct_na_base_pair_step.inclination 
_ndb_struct_na_base_pair_step.tip 
_ndb_struct_na_base_pair_step.helical_twist 
_ndb_struct_na_base_pair_step.step_number 
_ndb_struct_na_base_pair_step.step_name 
_ndb_struct_na_base_pair_step.i_auth_asym_id_1 
_ndb_struct_na_base_pair_step.i_auth_seq_id_1 
_ndb_struct_na_base_pair_step.i_PDB_ins_code_1 
_ndb_struct_na_base_pair_step.j_auth_asym_id_1 
_ndb_struct_na_base_pair_step.j_auth_seq_id_1 
_ndb_struct_na_base_pair_step.j_PDB_ins_code_1 
_ndb_struct_na_base_pair_step.i_auth_asym_id_2 
_ndb_struct_na_base_pair_step.i_auth_seq_id_2 
_ndb_struct_na_base_pair_step.i_PDB_ins_code_2 
_ndb_struct_na_base_pair_step.j_auth_asym_id_2 
_ndb_struct_na_base_pair_step.j_auth_seq_id_2 
_ndb_struct_na_base_pair_step.j_PDB_ins_code_2 
1 A DG 1 1_555 B DC 10 1_555 A DC 2  1_555 B DG 9 1_555 0.271  -1.231 3.209 2.078  0.892  37.624 -2.019 -0.157 3.190 1.381  -3.218 
37.690 1 AA_DG101DC102:DG209DC210_BB A 101 ? B 210 ? A 102 ? B 209 ? 
1 A DC 2 1_555 B DG 9  1_555 A DG 3  1_555 B DC 8 1_555 -0.169 -1.856 3.639 -1.700 7.764  28.339 -5.388 -0.046 3.039 15.477 3.389  
29.411 2 AA_DC102DG103:DC208DG209_BB A 102 ? B 209 ? A 103 ? B 208 ? 
1 A DG 3 1_555 B DC 8  1_555 A DT 4  1_555 B DA 7 1_555 -1.117 -1.374 3.130 -1.423 4.783  35.366 -2.888 1.630  2.966 7.825  2.327  
35.705 3 AA_DG103DT104:DA207DC208_BB A 103 ? B 208 ? A 104 ? B 207 ? 
1 A DA 7 1_555 B DT 4  1_555 A DC 8  1_555 B DG 3 1_555 1.054  -1.989 3.089 3.052  1.935  30.718 -4.082 -1.420 3.049 3.636  -5.737 
30.925 4 AA_DA107DC108:DG203DT204_BB A 107 ? B 204 ? A 108 ? B 203 ? 
1 A DC 8 1_555 B DG 3  1_555 A DG 9  1_555 B DC 2 1_555 -0.628 -2.023 3.296 -0.540 8.250  27.631 -5.764 1.151  2.606 16.804 1.101  
28.818 5 AA_DC108DG109:DC202DG203_BB A 108 ? B 203 ? A 109 ? B 202 ? 
1 A DG 9 1_555 B DC 2  1_555 A DC 10 1_555 B DG 1 1_555 0.187  -1.538 3.284 0.244  -1.730 34.839 -2.299 -0.274 3.356 -2.888 -0.408 
34.881 6 AA_DG109DC110:DG201DC202_BB A 109 ? B 202 ? A 110 ? B 201 ? 
# 
loop_
_pdbx_entity_nonpoly.entity_id 
_pdbx_entity_nonpoly.name 
_pdbx_entity_nonpoly.comp_id 
2 'STRONTIUM ION' SR  
3 water           HOH 
# 
_pdbx_initial_refinement_model.id               1 
_pdbx_initial_refinement_model.entity_id_list   ? 
_pdbx_initial_refinement_model.type             'experimental model' 
_pdbx_initial_refinement_model.source_name      PDB 
_pdbx_initial_refinement_model.accession_code   3EY2 
_pdbx_initial_refinement_model.details          'PDB ENTRY 3EY2' 
# 
